data_3KTX
#
_entry.id   3KTX
#
_cell.length_a   122.860
_cell.length_b   129.860
_cell.length_c   165.200
_cell.angle_alpha   90.00
_cell.angle_beta   90.00
_cell.angle_gamma   90.00
#
_symmetry.space_group_name_H-M   'I 2 2 2'
#
loop_
_entity.id
_entity.type
_entity.pdbx_description
1 polymer 'Pyruvate kinase'
2 non-polymer GLYCEROL
3 non-polymer 'pyrene-1,3,6,8-tetrasulfonic acid'
4 water water
#
_entity_poly.entity_id   1
_entity_poly.type   'polypeptide(L)'
_entity_poly.pdbx_seq_one_letter_code
;MSQLAHNLTLSIFDPVANYRAARIICTIGPSTQSVEALKGLIQSGMSVARMNFSHGSHEYHQTTINNVRQAAAELGVNIA
IALDTKGPEIRTGQFVGGDAVMERGATCYVTTDPAFADKGTKDKFYIDYQNLSKVVRPGNYIYIDDGILILQVQSHEDEQ
TLECTVTNSHTISDRRGVNLPGCDVDLPAVSAKDRVDLQFGVEQGVDMIFASFIRSAEQVGDVRKALGPKGRDIMIICKI
ENHQGVQNIDSIIEESDGIMVARGDLGVEIPAEKVVVAQKILISKCNVAGKPVICATQMLESMTYNPRPTRAEVSDVANA
VFNGADCVMLSGETAKGKYPNEVVQYMARICLEAQSALNEYVFFNSIKKLQHIPMSADEAVCSSAVNSVYETKAKAMVVL
SNTGRSARLVAKYRPNCPIVCVTTRLQTCRQLNITQGVESVFFDADKLGHDEGKEHRVAAGVEFAKSKGYVQTGDYCVVI
HADHKVKGYANQTRILLVE
;
_entity_poly.pdbx_strand_id   A,B
#
loop_
_chem_comp.id
_chem_comp.type
_chem_comp.name
_chem_comp.formula
GOL non-polymer GLYCEROL 'C3 H8 O3'
PTK non-polymer 'pyrene-1,3,6,8-tetrasulfonic acid' 'C16 H10 O12 S4'
#
# COMPACT_ATOMS: atom_id res chain seq x y z
N SER A 2 -6.89 10.83 12.71
CA SER A 2 -6.93 12.24 12.15
C SER A 2 -5.91 12.32 11.00
N GLN A 3 -5.54 11.18 10.49
CA GLN A 3 -4.71 11.14 9.30
C GLN A 3 -5.56 11.75 8.16
N LEU A 4 -6.84 11.40 8.16
CA LEU A 4 -7.80 11.85 7.15
C LEU A 4 -7.84 13.40 7.14
N ALA A 5 -7.99 14.02 8.31
CA ALA A 5 -7.96 15.49 8.43
C ALA A 5 -6.62 16.03 7.97
N HIS A 6 -5.56 15.31 8.28
CA HIS A 6 -4.23 15.78 7.87
C HIS A 6 -4.03 15.72 6.35
N ASN A 7 -4.55 14.69 5.70
CA ASN A 7 -4.46 14.57 4.24
C ASN A 7 -5.09 15.78 3.52
N LEU A 8 -6.19 16.29 4.08
CA LEU A 8 -6.91 17.42 3.50
C LEU A 8 -6.02 18.67 3.30
N THR A 9 -4.99 18.84 4.14
CA THR A 9 -4.16 20.04 4.18
C THR A 9 -2.87 19.86 3.40
N LEU A 10 -2.61 18.68 2.84
CA LEU A 10 -1.28 18.48 2.23
C LEU A 10 -1.27 18.98 0.80
N SER A 11 -0.08 19.27 0.31
CA SER A 11 0.13 19.48 -1.10
C SER A 11 1.41 18.78 -1.48
N ILE A 12 1.36 17.99 -2.54
CA ILE A 12 2.53 17.25 -3.00
C ILE A 12 3.60 18.15 -3.64
N PHE A 13 3.32 19.44 -3.83
CA PHE A 13 4.35 20.36 -4.32
C PHE A 13 5.06 21.09 -3.17
N ASP A 14 4.58 20.95 -1.94
CA ASP A 14 5.28 21.43 -0.71
C ASP A 14 6.62 20.71 -0.51
N PRO A 15 7.59 21.34 0.22
CA PRO A 15 8.89 20.72 0.50
C PRO A 15 8.75 19.52 1.43
N VAL A 16 9.54 18.47 1.22
CA VAL A 16 9.63 17.38 2.19
C VAL A 16 10.30 17.87 3.50
N ALA A 17 10.20 17.05 4.55
CA ALA A 17 10.83 17.25 5.86
C ALA A 17 12.35 17.40 5.69
N ASN A 18 13.01 18.07 6.65
CA ASN A 18 14.48 18.17 6.66
C ASN A 18 15.16 16.94 7.26
N TYR A 19 14.42 15.86 7.53
CA TYR A 19 15.05 14.62 8.07
C TYR A 19 14.22 13.42 7.66
N ARG A 20 14.88 12.28 7.53
CA ARG A 20 14.13 11.02 7.20
C ARG A 20 14.16 10.23 8.48
N ALA A 21 12.99 9.89 9.01
CA ALA A 21 12.90 9.14 10.27
C ALA A 21 13.11 7.62 10.04
N ALA A 22 12.61 7.06 8.94
CA ALA A 22 12.66 5.60 8.77
C ALA A 22 14.11 5.16 8.45
N ARG A 23 14.48 3.91 8.76
CA ARG A 23 15.87 3.41 8.64
C ARG A 23 15.93 2.26 7.58
N ILE A 24 16.98 2.26 6.77
CA ILE A 24 17.06 1.32 5.64
C ILE A 24 18.11 0.27 6.00
N ILE A 25 17.70 -1.01 5.96
CA ILE A 25 18.60 -2.13 6.18
C ILE A 25 18.96 -2.69 4.80
N CYS A 26 20.26 -2.92 4.57
CA CYS A 26 20.72 -3.46 3.25
C CYS A 26 21.43 -4.81 3.45
N THR A 27 21.05 -5.79 2.67
CA THR A 27 21.75 -7.07 2.68
C THR A 27 22.97 -6.94 1.77
N ILE A 28 24.10 -7.36 2.34
CA ILE A 28 25.37 -7.28 1.67
C ILE A 28 25.59 -8.57 0.85
N GLY A 29 26.11 -8.40 -0.35
CA GLY A 29 26.58 -9.59 -1.17
C GLY A 29 27.60 -9.18 -2.22
N PRO A 30 27.74 -10.00 -3.31
CA PRO A 30 28.74 -9.70 -4.39
C PRO A 30 28.62 -8.30 -4.92
N SER A 31 27.41 -7.79 -5.18
CA SER A 31 27.34 -6.40 -5.64
C SER A 31 27.84 -5.38 -4.62
N THR A 32 27.99 -5.75 -3.34
CA THR A 32 28.13 -4.71 -2.29
C THR A 32 29.18 -4.96 -1.21
N GLN A 33 29.86 -6.10 -1.25
CA GLN A 33 30.78 -6.40 -0.15
C GLN A 33 32.03 -5.54 -0.08
N SER A 34 32.42 -4.89 -1.17
CA SER A 34 33.72 -4.21 -1.07
C SER A 34 33.60 -2.91 -0.26
N VAL A 35 34.74 -2.40 0.21
CA VAL A 35 34.65 -1.17 0.97
C VAL A 35 34.11 0.01 0.17
N GLU A 36 34.41 0.05 -1.13
CA GLU A 36 33.90 1.19 -1.89
C GLU A 36 32.41 1.06 -2.09
N ALA A 37 31.94 -0.16 -2.30
CA ALA A 37 30.51 -0.35 -2.52
C ALA A 37 29.73 -0.08 -1.19
N LEU A 38 30.25 -0.52 -0.05
CA LEU A 38 29.70 -0.19 1.29
C LEU A 38 29.67 1.33 1.53
N LYS A 39 30.75 2.02 1.16
CA LYS A 39 30.71 3.48 1.20
C LYS A 39 29.61 4.08 0.37
N GLY A 40 29.44 3.61 -0.87
CA GLY A 40 28.31 4.06 -1.69
C GLY A 40 26.92 3.81 -1.01
N LEU A 41 26.77 2.64 -0.40
CA LEU A 41 25.55 2.23 0.30
C LEU A 41 25.29 3.17 1.51
N ILE A 42 26.32 3.42 2.32
CA ILE A 42 26.23 4.35 3.43
C ILE A 42 25.78 5.71 2.92
N GLN A 43 26.48 6.21 1.90
CA GLN A 43 26.14 7.54 1.38
C GLN A 43 24.71 7.59 0.77
N SER A 44 24.27 6.47 0.20
CA SER A 44 22.93 6.36 -0.37
C SER A 44 21.79 6.32 0.70
N GLY A 45 22.10 5.89 1.92
CA GLY A 45 21.13 5.82 3.06
C GLY A 45 21.07 4.53 3.88
N MET A 46 22.06 3.64 3.77
CA MET A 46 22.04 2.44 4.58
C MET A 46 22.37 2.81 6.02
N SER A 47 21.64 2.25 6.99
CA SER A 47 22.00 2.40 8.43
C SER A 47 22.41 1.08 9.05
N VAL A 48 22.00 0.00 8.39
CA VAL A 48 22.25 -1.36 8.88
C VAL A 48 22.70 -2.30 7.70
N ALA A 49 23.77 -3.08 7.96
CA ALA A 49 24.28 -4.06 6.99
C ALA A 49 23.85 -5.39 7.52
N ARG A 50 23.00 -6.03 6.76
CA ARG A 50 22.51 -7.35 7.14
C ARG A 50 23.44 -8.45 6.48
N MET A 51 23.84 -9.45 7.23
CA MET A 51 24.52 -10.59 6.66
C MET A 51 23.58 -11.77 6.65
N ASN A 52 23.27 -12.29 5.47
CA ASN A 52 22.39 -13.45 5.35
C ASN A 52 23.21 -14.73 5.54
N PHE A 53 23.13 -15.31 6.74
CA PHE A 53 23.88 -16.53 6.98
C PHE A 53 23.25 -17.78 6.37
N SER A 54 22.19 -17.65 5.59
CA SER A 54 21.73 -18.77 4.76
C SER A 54 22.79 -19.16 3.70
N HIS A 55 23.68 -18.23 3.32
CA HIS A 55 24.75 -18.46 2.35
C HIS A 55 26.04 -17.85 2.84
N GLY A 56 27.17 -18.31 2.28
CA GLY A 56 28.52 -17.77 2.57
C GLY A 56 29.05 -18.49 3.78
N SER A 57 30.38 -18.61 3.90
CA SER A 57 31.02 -19.27 5.04
C SER A 57 31.37 -18.17 6.07
N HIS A 58 31.88 -18.54 7.26
CA HIS A 58 32.40 -17.53 8.18
C HIS A 58 33.41 -16.56 7.58
N GLU A 59 34.30 -17.07 6.72
CA GLU A 59 35.34 -16.24 6.14
C GLU A 59 34.74 -15.14 5.26
N TYR A 60 33.68 -15.49 4.53
CA TYR A 60 33.00 -14.54 3.67
C TYR A 60 32.39 -13.40 4.52
N HIS A 61 31.71 -13.81 5.59
CA HIS A 61 31.03 -12.85 6.48
C HIS A 61 31.99 -12.02 7.30
N GLN A 62 33.17 -12.59 7.62
CA GLN A 62 34.25 -11.83 8.21
C GLN A 62 34.67 -10.69 7.30
N THR A 63 34.71 -10.92 6.01
CA THR A 63 35.06 -9.82 5.09
C THR A 63 33.97 -8.73 5.12
N THR A 64 32.70 -9.15 5.10
CA THR A 64 31.60 -8.19 5.29
C THR A 64 31.80 -7.35 6.55
N ILE A 65 31.97 -8.03 7.69
CA ILE A 65 32.19 -7.39 8.97
C ILE A 65 33.34 -6.36 8.95
N ASN A 66 34.51 -6.83 8.48
CA ASN A 66 35.68 -5.93 8.35
C ASN A 66 35.42 -4.81 7.39
N ASN A 67 34.85 -5.10 6.23
CA ASN A 67 34.68 -4.00 5.29
C ASN A 67 33.63 -2.94 5.77
N VAL A 68 32.63 -3.41 6.53
CA VAL A 68 31.56 -2.45 6.98
C VAL A 68 32.24 -1.49 7.96
N ARG A 69 32.97 -2.02 8.92
CA ARG A 69 33.66 -1.22 9.88
C ARG A 69 34.62 -0.22 9.25
N GLN A 70 35.31 -0.68 8.19
CA GLN A 70 36.31 0.15 7.56
C GLN A 70 35.56 1.21 6.77
N ALA A 71 34.55 0.82 6.00
CA ALA A 71 33.76 1.84 5.29
C ALA A 71 33.16 2.89 6.25
N ALA A 72 32.70 2.41 7.40
CA ALA A 72 31.97 3.30 8.34
C ALA A 72 32.98 4.23 8.99
N ALA A 73 34.17 3.66 9.36
CA ALA A 73 35.24 4.46 9.96
C ALA A 73 35.70 5.58 9.04
N GLU A 74 35.71 5.33 7.74
CA GLU A 74 36.24 6.28 6.75
C GLU A 74 35.30 7.40 6.50
N LEU A 75 34.01 7.08 6.60
CA LEU A 75 33.01 8.11 6.43
C LEU A 75 32.71 8.77 7.81
N GLY A 76 33.21 8.18 8.90
CA GLY A 76 32.99 8.78 10.22
C GLY A 76 31.56 8.56 10.76
N VAL A 77 30.93 7.40 10.45
CA VAL A 77 29.58 7.11 10.92
C VAL A 77 29.61 5.78 11.66
N ASN A 78 28.48 5.43 12.27
CA ASN A 78 28.31 4.19 13.00
C ASN A 78 27.25 3.40 12.26
N ILE A 79 27.63 2.22 11.78
CA ILE A 79 26.73 1.37 10.98
C ILE A 79 26.48 0.10 11.81
N ALA A 80 25.22 -0.28 11.92
CA ALA A 80 24.92 -1.49 12.69
C ALA A 80 25.20 -2.75 11.83
N ILE A 81 25.58 -3.84 12.45
CA ILE A 81 25.81 -5.09 11.72
C ILE A 81 24.87 -6.13 12.24
N ALA A 82 24.04 -6.68 11.34
CA ALA A 82 23.05 -7.67 11.74
C ALA A 82 23.37 -9.09 11.18
N LEU A 83 23.18 -10.09 12.00
CA LEU A 83 23.46 -11.50 11.59
C LEU A 83 22.11 -12.13 11.48
N ASP A 84 21.66 -12.43 10.25
CA ASP A 84 20.35 -13.02 10.00
C ASP A 84 20.55 -14.58 9.84
N THR A 85 20.03 -15.35 10.76
CA THR A 85 20.39 -16.77 10.79
C THR A 85 19.71 -17.58 9.68
N LYS A 86 20.39 -18.67 9.26
CA LYS A 86 19.74 -19.69 8.38
C LYS A 86 18.49 -20.23 9.06
N GLY A 87 18.61 -20.68 10.31
CA GLY A 87 17.43 -21.14 11.04
C GLY A 87 17.11 -22.60 10.72
N PRO A 88 16.21 -23.24 11.51
CA PRO A 88 15.74 -24.60 11.25
C PRO A 88 14.98 -24.62 9.95
N GLU A 89 15.04 -25.75 9.27
CA GLU A 89 14.33 -25.91 7.98
C GLU A 89 13.73 -27.31 7.79
N ILE A 90 12.69 -27.42 6.96
CA ILE A 90 12.15 -28.66 6.50
C ILE A 90 12.37 -28.68 5.01
N ARG A 91 13.08 -29.70 4.58
CA ARG A 91 13.35 -29.89 3.18
C ARG A 91 12.98 -31.33 2.80
N THR A 92 12.69 -31.52 1.52
CA THR A 92 12.63 -32.88 0.93
C THR A 92 14.02 -33.50 0.81
N GLY A 93 14.07 -34.81 0.50
CA GLY A 93 15.35 -35.47 0.19
C GLY A 93 15.70 -35.21 -1.27
N GLN A 94 16.60 -36.04 -1.80
CA GLN A 94 16.95 -36.10 -3.23
C GLN A 94 16.08 -37.08 -4.04
N PHE A 95 16.06 -36.87 -5.35
CA PHE A 95 15.30 -37.71 -6.26
C PHE A 95 16.20 -38.43 -7.25
N VAL A 96 15.80 -39.64 -7.65
CA VAL A 96 16.49 -40.35 -8.74
C VAL A 96 16.34 -39.54 -10.02
N GLY A 97 17.47 -39.19 -10.66
CA GLY A 97 17.42 -38.33 -11.86
C GLY A 97 17.30 -36.84 -11.56
N GLY A 98 17.30 -36.50 -10.27
CA GLY A 98 17.47 -35.11 -9.78
C GLY A 98 16.20 -34.29 -9.73
N ASP A 99 15.08 -34.95 -9.94
CA ASP A 99 13.91 -34.26 -10.40
C ASP A 99 12.70 -35.20 -10.22
N ALA A 100 11.50 -34.66 -9.93
CA ALA A 100 10.28 -35.47 -9.85
C ALA A 100 9.04 -34.76 -10.41
N VAL A 101 8.44 -35.34 -11.44
CA VAL A 101 7.35 -34.70 -12.15
C VAL A 101 6.04 -35.08 -11.46
N MET A 102 5.46 -34.13 -10.71
CA MET A 102 4.26 -34.40 -9.90
C MET A 102 3.00 -33.93 -10.61
N GLU A 103 1.97 -34.75 -10.65
CA GLU A 103 0.83 -34.46 -11.54
C GLU A 103 -0.49 -34.38 -10.80
N ARG A 104 -1.32 -33.42 -11.20
CA ARG A 104 -2.61 -33.23 -10.53
C ARG A 104 -3.35 -34.58 -10.56
N GLY A 105 -3.85 -35.02 -9.42
CA GLY A 105 -4.56 -36.29 -9.37
C GLY A 105 -3.74 -37.46 -8.88
N ALA A 106 -2.43 -37.48 -9.14
CA ALA A 106 -1.59 -38.59 -8.71
C ALA A 106 -1.57 -38.78 -7.18
N THR A 107 -1.29 -40.01 -6.76
CA THR A 107 -1.06 -40.32 -5.37
C THR A 107 0.44 -40.46 -5.27
N CYS A 108 1.03 -39.92 -4.17
CA CYS A 108 2.47 -40.16 -3.88
C CYS A 108 2.54 -40.38 -2.39
N TYR A 109 3.70 -40.83 -1.92
CA TYR A 109 3.91 -41.12 -0.52
C TYR A 109 5.09 -40.29 -0.03
N VAL A 110 4.86 -39.50 1.02
CA VAL A 110 5.96 -38.76 1.64
C VAL A 110 6.35 -39.47 2.90
N THR A 111 7.64 -39.72 3.05
CA THR A 111 8.00 -40.49 4.21
C THR A 111 9.11 -39.84 5.00
N THR A 112 9.16 -40.12 6.30
CA THR A 112 10.31 -39.63 7.09
C THR A 112 11.40 -40.67 7.38
N ASP A 113 11.29 -41.85 6.78
CA ASP A 113 12.34 -42.89 6.89
C ASP A 113 13.56 -42.45 6.07
N PRO A 114 14.71 -42.35 6.74
CA PRO A 114 16.00 -41.89 6.21
C PRO A 114 16.52 -42.69 5.00
N ALA A 115 16.07 -43.95 4.87
CA ALA A 115 16.50 -44.85 3.81
C ALA A 115 16.13 -44.24 2.47
N PHE A 116 15.08 -43.41 2.46
CA PHE A 116 14.63 -42.76 1.20
C PHE A 116 15.25 -41.42 0.90
N ALA A 117 16.13 -40.93 1.78
CA ALA A 117 16.80 -39.62 1.56
C ALA A 117 17.45 -39.46 0.18
N ASP A 118 18.21 -40.49 -0.24
CA ASP A 118 18.98 -40.50 -1.51
C ASP A 118 18.16 -41.00 -2.71
N LYS A 119 17.07 -41.73 -2.49
CA LYS A 119 16.36 -42.42 -3.60
C LYS A 119 14.86 -42.05 -3.74
N GLY A 120 14.55 -40.75 -3.72
CA GLY A 120 13.16 -40.34 -3.91
C GLY A 120 12.70 -40.48 -5.36
N THR A 121 11.40 -40.67 -5.55
CA THR A 121 10.85 -40.57 -6.88
C THR A 121 9.53 -39.85 -6.70
N LYS A 122 8.84 -39.62 -7.81
CA LYS A 122 7.52 -39.06 -7.79
C LYS A 122 6.50 -39.78 -6.94
N ASP A 123 6.71 -41.10 -6.74
CA ASP A 123 5.73 -41.94 -6.03
C ASP A 123 5.98 -41.93 -4.54
N LYS A 124 7.27 -41.91 -4.18
CA LYS A 124 7.65 -41.91 -2.79
C LYS A 124 8.98 -41.19 -2.57
N PHE A 125 8.97 -40.28 -1.60
CA PHE A 125 10.16 -39.45 -1.36
C PHE A 125 10.22 -38.96 0.09
N TYR A 126 11.42 -38.51 0.47
CA TYR A 126 11.75 -38.24 1.85
C TYR A 126 11.44 -36.76 2.21
N ILE A 127 11.02 -36.53 3.44
CA ILE A 127 10.91 -35.17 3.99
C ILE A 127 11.63 -35.26 5.32
N ASP A 128 12.65 -34.41 5.53
CA ASP A 128 13.53 -34.58 6.71
C ASP A 128 12.95 -34.18 8.06
N TYR A 129 11.68 -33.79 8.12
CA TYR A 129 11.11 -33.40 9.41
C TYR A 129 10.56 -34.62 10.10
N GLN A 130 11.26 -35.11 11.11
CA GLN A 130 10.92 -36.42 11.73
C GLN A 130 9.58 -36.53 12.41
N ASN A 131 9.05 -35.41 12.90
CA ASN A 131 7.70 -35.34 13.46
C ASN A 131 6.62 -35.08 12.46
N LEU A 132 6.96 -35.09 11.17
CA LEU A 132 5.97 -34.84 10.14
C LEU A 132 4.63 -35.53 10.38
N SER A 133 4.66 -36.85 10.60
CA SER A 133 3.42 -37.64 10.74
C SER A 133 2.60 -37.41 12.03
N LYS A 134 3.21 -37.06 13.14
CA LYS A 134 2.36 -36.85 14.33
C LYS A 134 1.69 -35.47 14.36
N VAL A 135 2.15 -34.57 13.51
CA VAL A 135 1.75 -33.17 13.51
C VAL A 135 0.72 -32.85 12.43
N VAL A 136 0.63 -33.72 11.42
CA VAL A 136 -0.38 -33.60 10.34
C VAL A 136 -1.64 -34.50 10.62
N ARG A 137 -2.81 -34.05 10.16
CA ARG A 137 -4.03 -34.84 10.11
C ARG A 137 -4.36 -35.00 8.64
N PRO A 138 -5.16 -36.06 8.29
CA PRO A 138 -5.77 -36.16 6.98
C PRO A 138 -6.50 -34.81 6.70
N GLY A 139 -6.38 -34.30 5.47
CA GLY A 139 -6.96 -33.02 5.16
C GLY A 139 -5.98 -31.83 5.08
N ASN A 140 -4.92 -31.86 5.87
CA ASN A 140 -3.83 -30.87 5.82
C ASN A 140 -3.12 -30.86 4.48
N TYR A 141 -2.51 -29.73 4.21
CA TYR A 141 -1.74 -29.55 3.01
C TYR A 141 -0.25 -29.55 3.35
N ILE A 142 0.56 -29.91 2.37
CA ILE A 142 1.99 -29.88 2.45
C ILE A 142 2.38 -29.08 1.26
N TYR A 143 3.09 -27.98 1.54
CA TYR A 143 3.62 -27.12 0.49
C TYR A 143 5.04 -27.48 0.27
N ILE A 144 5.49 -27.47 -0.99
CA ILE A 144 6.88 -27.80 -1.29
C ILE A 144 7.33 -26.87 -2.39
N ASP A 145 8.59 -26.50 -2.37
CA ASP A 145 9.14 -25.56 -3.38
C ASP A 145 8.50 -24.14 -3.32
N ASP A 146 8.85 -23.36 -2.29
CA ASP A 146 8.22 -22.04 -2.05
C ASP A 146 6.74 -22.09 -2.31
N GLY A 147 6.08 -23.13 -1.80
CA GLY A 147 4.63 -23.28 -1.92
C GLY A 147 4.04 -23.48 -3.32
N ILE A 148 4.87 -23.71 -4.34
CA ILE A 148 4.33 -23.95 -5.70
C ILE A 148 3.58 -25.32 -5.82
N LEU A 149 4.21 -26.40 -5.36
CA LEU A 149 3.57 -27.75 -5.30
C LEU A 149 2.76 -27.93 -4.00
N ILE A 150 1.47 -28.26 -4.15
CA ILE A 150 0.64 -28.51 -2.97
C ILE A 150 0.14 -29.97 -2.91
N LEU A 151 0.40 -30.63 -1.79
CA LEU A 151 -0.06 -31.96 -1.56
C LEU A 151 -1.17 -31.91 -0.53
N GLN A 152 -2.18 -32.75 -0.70
CA GLN A 152 -3.08 -32.96 0.43
C GLN A 152 -2.88 -34.33 1.07
N VAL A 153 -2.74 -34.35 2.39
CA VAL A 153 -2.66 -35.57 3.17
C VAL A 153 -4.01 -36.30 3.14
N GLN A 154 -3.95 -37.60 2.81
CA GLN A 154 -5.16 -38.46 2.77
C GLN A 154 -5.21 -39.39 3.96
N SER A 155 -4.11 -40.07 4.26
CA SER A 155 -4.07 -40.96 5.42
C SER A 155 -2.67 -41.24 5.77
N HIS A 156 -2.52 -41.90 6.91
CA HIS A 156 -1.29 -42.45 7.36
C HIS A 156 -1.15 -43.86 6.73
N GLU A 157 -0.29 -43.98 5.74
CA GLU A 157 0.13 -45.26 5.23
C GLU A 157 0.85 -46.11 6.28
N ASP A 158 1.65 -45.50 7.15
CA ASP A 158 2.17 -46.14 8.36
C ASP A 158 2.80 -45.08 9.23
N GLU A 159 3.45 -45.48 10.30
CA GLU A 159 4.00 -44.55 11.29
C GLU A 159 4.85 -43.43 10.64
N GLN A 160 5.51 -43.74 9.53
CA GLN A 160 6.47 -42.82 8.91
C GLN A 160 6.08 -42.31 7.54
N THR A 161 4.88 -42.65 7.08
CA THR A 161 4.54 -42.44 5.68
C THR A 161 3.11 -42.05 5.58
N LEU A 162 2.90 -40.99 4.77
CA LEU A 162 1.62 -40.41 4.52
C LEU A 162 1.34 -40.59 3.04
N GLU A 163 0.10 -41.00 2.77
CA GLU A 163 -0.39 -41.05 1.43
C GLU A 163 -1.01 -39.70 1.16
N CYS A 164 -0.64 -39.14 0.02
CA CYS A 164 -0.98 -37.80 -0.33
C CYS A 164 -1.51 -37.78 -1.74
N THR A 165 -2.50 -36.91 -1.98
CA THR A 165 -2.83 -36.49 -3.36
C THR A 165 -1.96 -35.30 -3.80
N VAL A 166 -1.55 -35.29 -5.08
CA VAL A 166 -0.97 -34.12 -5.70
C VAL A 166 -2.11 -33.24 -6.22
N THR A 167 -2.34 -32.08 -5.56
CA THR A 167 -3.41 -31.15 -5.98
C THR A 167 -3.08 -30.35 -7.25
N ASN A 168 -1.82 -30.20 -7.62
CA ASN A 168 -1.52 -29.40 -8.81
C ASN A 168 -0.22 -29.88 -9.41
N SER A 169 -0.06 -29.69 -10.72
CA SER A 169 1.17 -30.09 -11.40
C SER A 169 2.35 -29.17 -11.14
N HIS A 170 3.47 -29.74 -10.72
CA HIS A 170 4.70 -29.00 -10.56
C HIS A 170 5.84 -30.03 -10.48
N THR A 171 6.90 -29.74 -11.22
CA THR A 171 8.14 -30.50 -11.15
C THR A 171 9.00 -29.96 -10.01
N ILE A 172 9.45 -30.84 -9.12
CA ILE A 172 10.35 -30.44 -8.03
C ILE A 172 11.76 -31.03 -8.22
N SER A 173 12.79 -30.32 -7.79
CA SER A 173 14.16 -30.84 -7.87
C SER A 173 14.57 -31.21 -6.44
N ASP A 174 15.82 -31.59 -6.22
CA ASP A 174 16.28 -32.06 -4.92
C ASP A 174 16.20 -31.03 -3.80
N ARG A 175 15.95 -31.52 -2.59
CA ARG A 175 16.12 -30.74 -1.37
C ARG A 175 15.31 -29.44 -1.40
N ARG A 176 14.06 -29.50 -1.82
CA ARG A 176 13.23 -28.31 -1.82
C ARG A 176 12.64 -28.04 -0.43
N GLY A 177 12.26 -26.79 -0.18
CA GLY A 177 11.77 -26.36 1.13
C GLY A 177 10.33 -26.74 1.30
N VAL A 178 9.93 -27.10 2.50
CA VAL A 178 8.58 -27.50 2.63
C VAL A 178 7.92 -26.72 3.76
N ASN A 179 6.62 -26.57 3.66
CA ASN A 179 5.90 -25.81 4.67
C ASN A 179 4.66 -26.55 5.02
N LEU A 180 4.26 -26.39 6.26
CA LEU A 180 3.05 -26.94 6.79
C LEU A 180 2.07 -25.86 7.28
N PRO A 181 1.25 -25.30 6.39
CA PRO A 181 0.42 -24.10 6.74
C PRO A 181 -0.59 -24.32 7.83
N GLY A 182 -1.09 -25.53 7.98
CA GLY A 182 -2.05 -25.82 9.03
C GLY A 182 -1.50 -26.51 10.27
N CYS A 183 -0.19 -26.57 10.43
CA CYS A 183 0.34 -27.31 11.57
C CYS A 183 1.33 -26.51 12.35
N ASP A 184 1.42 -26.83 13.63
CA ASP A 184 2.45 -26.35 14.46
C ASP A 184 3.75 -27.09 14.23
N VAL A 185 4.70 -26.39 13.66
CA VAL A 185 6.02 -26.94 13.53
C VAL A 185 6.79 -26.86 14.85
N ASP A 186 7.35 -28.01 15.26
CA ASP A 186 7.93 -28.06 16.57
C ASP A 186 9.45 -28.26 16.53
N LEU A 187 10.06 -27.97 15.39
CA LEU A 187 11.51 -27.90 15.32
C LEU A 187 12.06 -26.97 16.40
N PRO A 188 13.31 -27.22 16.85
CA PRO A 188 14.03 -26.39 17.84
C PRO A 188 14.15 -24.92 17.35
N ALA A 189 14.42 -24.01 18.28
CA ALA A 189 14.56 -22.57 17.98
C ALA A 189 15.72 -22.30 17.08
N VAL A 190 16.85 -22.95 17.38
CA VAL A 190 18.08 -22.79 16.63
C VAL A 190 18.60 -24.16 16.08
N SER A 191 19.13 -24.17 14.87
CA SER A 191 19.72 -25.37 14.26
C SER A 191 21.12 -25.52 14.81
N ALA A 192 21.77 -26.65 14.49
CA ALA A 192 23.18 -26.87 14.91
C ALA A 192 24.05 -25.83 14.25
N LYS A 193 23.77 -25.54 12.98
CA LYS A 193 24.53 -24.52 12.26
C LYS A 193 24.37 -23.08 12.90
N ASP A 194 23.13 -22.73 13.27
CA ASP A 194 22.85 -21.44 13.98
C ASP A 194 23.76 -21.29 15.18
N ARG A 195 23.85 -22.35 15.99
CA ARG A 195 24.66 -22.29 17.24
C ARG A 195 26.09 -21.90 16.95
N VAL A 196 26.62 -22.44 15.86
CA VAL A 196 28.00 -22.15 15.46
C VAL A 196 28.06 -20.71 14.97
N ASP A 197 27.05 -20.31 14.17
CA ASP A 197 26.99 -18.95 13.62
C ASP A 197 26.72 -17.89 14.69
N LEU A 198 25.94 -18.25 15.72
CA LEU A 198 25.63 -17.29 16.83
C LEU A 198 26.85 -17.02 17.67
N GLN A 199 27.62 -18.08 17.89
CA GLN A 199 28.89 -17.92 18.61
C GLN A 199 29.89 -17.07 17.87
N PHE A 200 29.96 -17.26 16.58
CA PHE A 200 30.86 -16.47 15.77
C PHE A 200 30.41 -14.96 15.86
N GLY A 201 29.08 -14.75 15.78
CA GLY A 201 28.54 -13.39 15.80
C GLY A 201 28.86 -12.69 17.09
N VAL A 202 28.81 -13.44 18.19
CA VAL A 202 29.27 -12.92 19.49
C VAL A 202 30.76 -12.57 19.53
N GLU A 203 31.60 -13.48 19.02
CA GLU A 203 33.05 -13.23 18.95
C GLU A 203 33.38 -12.02 18.09
N GLN A 204 32.63 -11.80 17.03
CA GLN A 204 32.91 -10.69 16.14
C GLN A 204 32.20 -9.38 16.50
N GLY A 205 31.52 -9.34 17.65
CA GLY A 205 30.84 -8.09 18.10
C GLY A 205 29.64 -7.60 17.24
N VAL A 206 28.82 -8.51 16.74
CA VAL A 206 27.63 -8.11 15.94
C VAL A 206 26.61 -7.38 16.89
N ASP A 207 25.83 -6.47 16.32
CA ASP A 207 24.86 -5.66 17.12
C ASP A 207 23.56 -6.32 17.41
N MET A 208 23.12 -7.20 16.52
CA MET A 208 21.78 -7.76 16.63
C MET A 208 21.73 -9.02 15.79
N ILE A 209 20.79 -9.89 16.14
CA ILE A 209 20.51 -11.13 15.42
C ILE A 209 19.13 -10.97 14.83
N PHE A 210 18.95 -11.28 13.53
CA PHE A 210 17.61 -11.44 12.97
C PHE A 210 17.36 -12.97 13.05
N ALA A 211 16.59 -13.41 14.03
CA ALA A 211 16.46 -14.83 14.37
C ALA A 211 15.32 -15.47 13.55
N SER A 212 15.67 -16.42 12.67
CA SER A 212 14.70 -16.95 11.68
C SER A 212 13.59 -17.79 12.31
N PHE A 213 12.39 -17.76 11.70
CA PHE A 213 11.35 -18.77 12.01
C PHE A 213 10.91 -18.83 13.47
N ILE A 214 10.75 -17.67 14.10
CA ILE A 214 10.41 -17.67 15.51
C ILE A 214 8.93 -17.95 15.66
N ARG A 215 8.61 -18.93 16.51
CA ARG A 215 7.23 -19.46 16.55
C ARG A 215 6.57 -19.26 17.88
N SER A 216 7.32 -19.09 18.97
CA SER A 216 6.70 -19.00 20.30
C SER A 216 7.66 -18.23 21.17
N ALA A 217 7.18 -17.71 22.31
CA ALA A 217 7.97 -16.88 23.21
C ALA A 217 9.21 -17.59 23.79
N GLU A 218 9.04 -18.89 24.07
CA GLU A 218 10.10 -19.73 24.70
C GLU A 218 11.30 -19.82 23.75
N GLN A 219 11.07 -19.85 22.45
CA GLN A 219 12.21 -19.92 21.55
C GLN A 219 13.09 -18.68 21.57
N VAL A 220 12.55 -17.53 22.02
CA VAL A 220 13.40 -16.36 22.06
C VAL A 220 14.49 -16.56 23.11
N GLY A 221 14.10 -17.05 24.28
CA GLY A 221 15.06 -17.41 25.38
C GLY A 221 16.06 -18.47 24.93
N ASP A 222 15.65 -19.39 24.07
CA ASP A 222 16.68 -20.35 23.57
C ASP A 222 17.69 -19.65 22.70
N VAL A 223 17.24 -18.74 21.81
CA VAL A 223 18.25 -17.93 21.06
C VAL A 223 19.18 -17.17 22.02
N ARG A 224 18.60 -16.59 23.07
CA ARG A 224 19.38 -15.84 24.05
C ARG A 224 20.43 -16.76 24.71
N LYS A 225 20.00 -17.93 25.23
CA LYS A 225 20.97 -18.93 25.77
C LYS A 225 22.07 -19.23 24.76
N ALA A 226 21.71 -19.47 23.50
CA ALA A 226 22.71 -19.70 22.47
C ALA A 226 23.75 -18.59 22.31
N LEU A 227 23.40 -17.35 22.67
CA LEU A 227 24.32 -16.26 22.51
C LEU A 227 25.30 -16.24 23.67
N GLY A 228 24.90 -16.84 24.79
CA GLY A 228 25.76 -17.00 25.97
C GLY A 228 25.88 -15.70 26.75
N PRO A 229 26.57 -15.72 27.93
CA PRO A 229 26.73 -14.51 28.78
C PRO A 229 27.43 -13.32 28.10
N LYS A 230 28.39 -13.62 27.24
CA LYS A 230 29.09 -12.57 26.51
C LYS A 230 28.24 -11.90 25.40
N GLY A 231 27.06 -12.46 25.11
CA GLY A 231 26.19 -11.93 24.09
C GLY A 231 24.95 -11.24 24.62
N ARG A 232 24.98 -10.83 25.88
CA ARG A 232 23.72 -10.45 26.58
C ARG A 232 23.17 -9.06 26.12
N ASP A 233 24.03 -8.23 25.52
CA ASP A 233 23.63 -6.93 24.97
C ASP A 233 23.33 -6.91 23.52
N ILE A 234 23.39 -8.06 22.88
CA ILE A 234 23.07 -8.17 21.49
C ILE A 234 21.54 -8.23 21.38
N MET A 235 20.95 -7.50 20.43
CA MET A 235 19.48 -7.45 20.30
C MET A 235 19.03 -8.65 19.53
N ILE A 236 17.93 -9.23 20.00
CA ILE A 236 17.32 -10.29 19.23
C ILE A 236 16.05 -9.84 18.52
N ILE A 237 16.08 -9.82 17.19
CA ILE A 237 14.97 -9.41 16.45
C ILE A 237 14.34 -10.66 15.90
N CYS A 238 13.08 -10.92 16.25
CA CYS A 238 12.44 -12.15 15.81
C CYS A 238 11.77 -12.04 14.47
N LYS A 239 12.11 -12.97 13.59
CA LYS A 239 11.53 -12.99 12.29
C LYS A 239 10.30 -13.80 12.31
N ILE A 240 9.19 -13.17 11.89
CA ILE A 240 7.91 -13.76 12.02
C ILE A 240 7.58 -14.26 10.65
N GLU A 241 7.40 -15.59 10.53
CA GLU A 241 7.30 -16.20 9.20
C GLU A 241 6.17 -17.21 9.06
N ASN A 242 5.38 -17.51 10.09
CA ASN A 242 4.25 -18.35 9.82
C ASN A 242 3.16 -18.04 10.78
N HIS A 243 2.08 -18.80 10.73
CA HIS A 243 0.91 -18.56 11.57
C HIS A 243 1.15 -18.64 13.04
N GLN A 244 2.08 -19.51 13.47
CA GLN A 244 2.37 -19.64 14.90
C GLN A 244 3.03 -18.34 15.39
N GLY A 245 3.96 -17.81 14.61
CA GLY A 245 4.57 -16.52 15.01
C GLY A 245 3.48 -15.44 15.11
N VAL A 246 2.57 -15.40 14.12
CA VAL A 246 1.47 -14.41 14.15
C VAL A 246 0.57 -14.63 15.36
N GLN A 247 0.10 -15.85 15.53
CA GLN A 247 -0.75 -16.18 16.69
C GLN A 247 -0.13 -15.88 18.05
N ASN A 248 1.16 -16.17 18.20
CA ASN A 248 1.88 -15.95 19.46
C ASN A 248 2.57 -14.59 19.59
N ILE A 249 2.26 -13.69 18.64
CA ILE A 249 2.95 -12.38 18.57
C ILE A 249 3.07 -11.63 19.87
N ASP A 250 2.03 -11.62 20.71
CA ASP A 250 2.15 -10.80 21.92
C ASP A 250 3.25 -11.27 22.80
N SER A 251 3.33 -12.57 23.01
CA SER A 251 4.27 -13.08 24.04
C SER A 251 5.68 -13.06 23.41
N ILE A 252 5.74 -13.24 22.09
CA ILE A 252 7.01 -13.07 21.38
C ILE A 252 7.57 -11.66 21.45
N ILE A 253 6.72 -10.67 21.15
CA ILE A 253 7.12 -9.28 21.30
C ILE A 253 7.62 -9.03 22.69
N GLU A 254 6.89 -9.52 23.68
CA GLU A 254 7.31 -9.30 25.05
C GLU A 254 8.78 -9.72 25.32
N GLU A 255 9.19 -10.88 24.88
CA GLU A 255 10.55 -11.39 25.11
C GLU A 255 11.62 -10.87 24.14
N SER A 256 11.21 -10.43 22.95
CA SER A 256 12.14 -10.11 21.88
C SER A 256 12.63 -8.64 22.11
N ASP A 257 13.59 -8.21 21.29
CA ASP A 257 14.01 -6.82 21.36
C ASP A 257 13.41 -6.12 20.14
N GLY A 258 12.61 -6.83 19.36
CA GLY A 258 12.10 -6.27 18.11
C GLY A 258 11.57 -7.33 17.17
N ILE A 259 10.92 -6.91 16.07
CA ILE A 259 10.27 -7.85 15.17
C ILE A 259 10.61 -7.58 13.71
N MET A 260 10.86 -8.66 12.95
CA MET A 260 10.84 -8.59 11.49
C MET A 260 9.61 -9.20 10.87
N VAL A 261 8.90 -8.41 10.05
CA VAL A 261 7.73 -8.94 9.38
C VAL A 261 8.28 -9.45 8.03
N ALA A 262 8.45 -10.77 7.91
CA ALA A 262 9.00 -11.34 6.70
C ALA A 262 7.87 -11.69 5.77
N ARG A 263 7.46 -10.75 4.94
CA ARG A 263 6.19 -10.86 4.17
C ARG A 263 6.22 -12.07 3.16
N GLY A 264 7.38 -12.32 2.54
CA GLY A 264 7.49 -13.33 1.46
C GLY A 264 7.42 -14.71 2.10
N ASP A 265 8.06 -14.91 3.24
CA ASP A 265 7.93 -16.18 3.97
C ASP A 265 6.53 -16.42 4.51
N LEU A 266 5.93 -15.39 5.13
CA LEU A 266 4.54 -15.49 5.56
C LEU A 266 3.67 -15.85 4.37
N GLY A 267 3.94 -15.21 3.21
CA GLY A 267 3.16 -15.37 1.99
C GLY A 267 3.19 -16.78 1.36
N VAL A 268 4.10 -17.64 1.84
CA VAL A 268 4.13 -19.05 1.35
C VAL A 268 2.93 -19.79 1.92
N GLU A 269 2.69 -19.51 3.19
CA GLU A 269 1.66 -20.19 3.89
C GLU A 269 0.32 -19.47 3.93
N ILE A 270 0.32 -18.13 3.87
CA ILE A 270 -0.89 -17.32 4.23
C ILE A 270 -1.27 -16.51 2.97
N PRO A 271 -2.55 -16.42 2.63
CA PRO A 271 -2.93 -15.58 1.50
C PRO A 271 -2.29 -14.15 1.60
N ALA A 272 -1.90 -13.61 0.46
CA ALA A 272 -1.19 -12.33 0.37
C ALA A 272 -2.02 -11.16 0.99
N GLU A 273 -3.32 -11.14 0.76
CA GLU A 273 -4.24 -10.20 1.45
C GLU A 273 -4.26 -10.25 2.98
N LYS A 274 -4.17 -11.46 3.53
CA LYS A 274 -3.96 -11.60 4.97
C LYS A 274 -2.63 -11.16 5.49
N VAL A 275 -1.57 -11.38 4.71
CA VAL A 275 -0.23 -10.90 5.10
C VAL A 275 -0.20 -9.35 5.14
N VAL A 276 -0.85 -8.66 4.18
CA VAL A 276 -1.01 -7.18 4.24
C VAL A 276 -1.53 -6.76 5.60
N VAL A 277 -2.53 -7.49 6.06
CA VAL A 277 -3.16 -7.20 7.33
C VAL A 277 -2.30 -7.63 8.52
N ALA A 278 -1.67 -8.82 8.47
CA ALA A 278 -0.76 -9.16 9.57
C ALA A 278 0.39 -8.13 9.70
N GLN A 279 0.89 -7.63 8.57
CA GLN A 279 1.91 -6.57 8.61
C GLN A 279 1.40 -5.35 9.47
N LYS A 280 0.14 -4.94 9.28
CA LYS A 280 -0.46 -3.78 10.03
C LYS A 280 -0.53 -4.03 11.52
N ILE A 281 -0.97 -5.24 11.87
CA ILE A 281 -1.10 -5.69 13.24
C ILE A 281 0.25 -5.78 13.91
N LEU A 282 1.19 -6.49 13.30
CA LEU A 282 2.48 -6.67 13.97
C LEU A 282 3.14 -5.30 14.14
N ILE A 283 3.08 -4.46 13.11
CA ILE A 283 3.74 -3.16 13.24
C ILE A 283 3.10 -2.33 14.34
N SER A 284 1.77 -2.24 14.37
CA SER A 284 1.14 -1.48 15.48
C SER A 284 1.42 -2.07 16.83
N LYS A 285 1.41 -3.39 16.94
CA LYS A 285 1.76 -3.93 18.27
C LYS A 285 3.19 -3.58 18.72
N CYS A 286 4.16 -3.63 17.82
CA CYS A 286 5.52 -3.15 18.16
C CYS A 286 5.55 -1.66 18.49
N ASN A 287 4.80 -0.84 17.74
CA ASN A 287 4.81 0.60 18.03
C ASN A 287 4.34 0.73 19.50
N VAL A 288 3.29 -0.02 19.86
CA VAL A 288 2.76 0.10 21.22
C VAL A 288 3.74 -0.45 22.25
N ALA A 289 4.45 -1.54 21.91
CA ALA A 289 5.48 -2.06 22.83
C ALA A 289 6.76 -1.21 22.88
N GLY A 290 6.91 -0.21 22.03
CA GLY A 290 8.16 0.56 22.06
C GLY A 290 9.40 -0.23 21.57
N LYS A 291 9.17 -1.19 20.68
CA LYS A 291 10.22 -2.10 20.13
C LYS A 291 10.34 -1.92 18.62
N PRO A 292 11.55 -1.87 18.07
CA PRO A 292 11.64 -1.65 16.62
C PRO A 292 11.02 -2.74 15.76
N VAL A 293 10.46 -2.35 14.64
CA VAL A 293 9.81 -3.30 13.77
C VAL A 293 10.25 -3.04 12.35
N ILE A 294 10.57 -4.13 11.67
CA ILE A 294 11.17 -4.08 10.33
C ILE A 294 10.24 -4.66 9.30
N CYS A 295 10.00 -3.90 8.21
CA CYS A 295 9.22 -4.42 7.12
C CYS A 295 10.22 -5.01 6.07
N ALA A 296 10.13 -6.30 5.76
CA ALA A 296 11.25 -7.01 5.01
C ALA A 296 10.74 -7.88 3.91
N THR A 297 11.62 -8.12 2.93
CA THR A 297 11.35 -8.92 1.74
C THR A 297 10.40 -8.31 0.73
N GLN A 298 10.77 -8.51 -0.53
CA GLN A 298 9.97 -8.11 -1.67
C GLN A 298 9.64 -6.63 -1.53
N MET A 299 10.66 -5.81 -1.35
CA MET A 299 10.33 -4.41 -1.14
C MET A 299 10.36 -3.60 -2.46
N LEU A 300 11.48 -3.65 -3.18
CA LEU A 300 11.52 -2.95 -4.50
C LEU A 300 12.20 -4.04 -5.34
N GLU A 301 11.71 -5.29 -5.21
CA GLU A 301 12.42 -6.46 -5.79
C GLU A 301 12.77 -6.25 -7.27
N SER A 302 11.88 -5.59 -8.03
CA SER A 302 12.09 -5.50 -9.46
C SER A 302 13.29 -4.60 -9.85
N MET A 303 13.76 -3.79 -8.89
CA MET A 303 14.89 -2.95 -9.09
C MET A 303 16.24 -3.73 -8.88
N THR A 304 16.14 -5.03 -8.67
CA THR A 304 17.30 -5.89 -8.68
C THR A 304 18.00 -5.82 -10.10
N TYR A 305 17.17 -5.88 -11.16
CA TYR A 305 17.62 -5.89 -12.58
C TYR A 305 17.12 -4.76 -13.48
N ASN A 306 16.07 -4.04 -13.05
CA ASN A 306 15.63 -2.85 -13.80
C ASN A 306 16.02 -1.62 -13.02
N PRO A 307 16.27 -0.51 -13.75
CA PRO A 307 16.72 0.75 -13.17
C PRO A 307 15.64 1.48 -12.37
N ARG A 308 14.39 1.02 -12.49
CA ARG A 308 13.25 1.62 -11.85
C ARG A 308 12.40 0.48 -11.29
N PRO A 309 11.71 0.70 -10.13
CA PRO A 309 10.86 -0.37 -9.56
C PRO A 309 9.45 -0.21 -10.16
N THR A 310 8.51 -1.11 -9.89
CA THR A 310 7.13 -0.84 -10.34
C THR A 310 6.43 0.19 -9.44
N ARG A 311 5.33 0.77 -9.91
CA ARG A 311 4.55 1.72 -9.14
C ARG A 311 3.94 1.05 -7.89
N ALA A 312 3.48 -0.19 -8.02
CA ALA A 312 2.97 -0.90 -6.84
C ALA A 312 4.06 -1.09 -5.79
N GLU A 313 5.30 -1.35 -6.20
CA GLU A 313 6.39 -1.52 -5.24
C GLU A 313 6.65 -0.21 -4.49
N VAL A 314 6.63 0.91 -5.22
CA VAL A 314 6.72 2.20 -4.55
C VAL A 314 5.59 2.35 -3.50
N SER A 315 4.36 1.98 -3.82
CA SER A 315 3.30 2.19 -2.85
C SER A 315 3.45 1.27 -1.63
N ASP A 316 4.02 0.10 -1.85
CA ASP A 316 4.33 -0.87 -0.78
C ASP A 316 5.31 -0.24 0.23
N VAL A 317 6.41 0.32 -0.26
CA VAL A 317 7.36 0.95 0.63
C VAL A 317 6.72 2.15 1.40
N ALA A 318 5.96 3.01 0.75
CA ALA A 318 5.39 4.18 1.44
C ALA A 318 4.41 3.67 2.53
N ASN A 319 3.66 2.62 2.18
CA ASN A 319 2.61 2.08 3.05
C ASN A 319 3.19 1.36 4.27
N ALA A 320 4.36 0.78 4.13
CA ALA A 320 5.07 0.28 5.34
C ALA A 320 5.39 1.46 6.28
N VAL A 321 5.77 2.62 5.76
CA VAL A 321 6.07 3.79 6.62
C VAL A 321 4.73 4.29 7.22
N PHE A 322 3.68 4.42 6.39
CA PHE A 322 2.35 4.75 6.95
C PHE A 322 1.86 3.80 8.05
N ASN A 323 2.13 2.50 7.90
CA ASN A 323 1.70 1.52 8.90
C ASN A 323 2.41 1.81 10.24
N GLY A 324 3.60 2.42 10.20
CA GLY A 324 4.40 2.64 11.42
C GLY A 324 5.77 1.92 11.48
N ALA A 325 6.27 1.33 10.37
CA ALA A 325 7.57 0.59 10.46
C ALA A 325 8.69 1.50 10.90
N ASP A 326 9.57 1.00 11.73
CA ASP A 326 10.83 1.73 12.01
C ASP A 326 11.78 1.61 10.82
N CYS A 327 11.77 0.43 10.20
CA CYS A 327 12.75 0.13 9.16
C CYS A 327 12.13 -0.57 7.96
N VAL A 328 12.83 -0.42 6.83
CA VAL A 328 12.46 -1.10 5.59
C VAL A 328 13.73 -1.77 5.08
N MET A 329 13.55 -2.93 4.46
CA MET A 329 14.72 -3.82 4.28
C MET A 329 14.86 -4.24 2.80
N LEU A 330 16.10 -4.24 2.34
CA LEU A 330 16.44 -4.70 0.97
C LEU A 330 17.26 -6.00 1.09
N SER A 331 16.91 -6.97 0.22
CA SER A 331 17.64 -8.23 0.19
C SER A 331 18.45 -8.29 -1.13
N GLY A 332 17.90 -8.91 -2.17
CA GLY A 332 18.68 -9.20 -3.39
C GLY A 332 18.95 -7.90 -4.11
N GLU A 333 18.12 -6.89 -3.85
CA GLU A 333 18.33 -5.58 -4.50
C GLU A 333 19.73 -4.99 -4.23
N THR A 334 20.25 -5.23 -3.03
CA THR A 334 21.58 -4.75 -2.72
C THR A 334 22.59 -5.88 -2.70
N ALA A 335 22.19 -7.11 -2.27
CA ALA A 335 23.11 -8.26 -2.19
C ALA A 335 23.66 -8.62 -3.62
N LYS A 336 22.76 -8.75 -4.59
CA LYS A 336 23.16 -9.25 -5.93
C LYS A 336 22.62 -8.38 -7.03
N GLY A 337 22.05 -7.22 -6.74
CA GLY A 337 21.41 -6.50 -7.79
C GLY A 337 22.33 -5.63 -8.61
N LYS A 338 21.77 -5.03 -9.64
CA LYS A 338 22.54 -4.25 -10.59
C LYS A 338 22.62 -2.78 -10.18
N TYR A 339 21.70 -2.34 -9.30
CA TYR A 339 21.58 -0.93 -8.99
C TYR A 339 21.54 -0.64 -7.46
N PRO A 340 22.49 -1.20 -6.68
CA PRO A 340 22.46 -1.12 -5.23
C PRO A 340 22.37 0.32 -4.73
N ASN A 341 23.18 1.23 -5.28
CA ASN A 341 23.11 2.61 -4.82
C ASN A 341 21.78 3.27 -5.09
N GLU A 342 21.29 3.10 -6.31
CA GLU A 342 20.10 3.77 -6.76
C GLU A 342 18.87 3.25 -6.01
N VAL A 343 18.84 1.95 -5.74
CA VAL A 343 17.71 1.36 -5.01
C VAL A 343 17.61 1.93 -3.55
N VAL A 344 18.73 2.02 -2.87
CA VAL A 344 18.77 2.58 -1.52
C VAL A 344 18.37 4.04 -1.60
N GLN A 345 18.84 4.72 -2.63
CA GLN A 345 18.47 6.14 -2.73
C GLN A 345 17.01 6.35 -3.00
N TYR A 346 16.46 5.49 -3.86
CA TYR A 346 15.06 5.60 -4.12
C TYR A 346 14.25 5.23 -2.86
N MET A 347 14.62 4.16 -2.18
CA MET A 347 13.98 3.78 -0.94
C MET A 347 13.94 4.95 0.07
N ALA A 348 15.07 5.62 0.27
CA ALA A 348 15.13 6.83 1.14
C ALA A 348 14.19 7.90 0.70
N ARG A 349 14.15 8.18 -0.62
CA ARG A 349 13.24 9.21 -1.14
C ARG A 349 11.78 8.87 -0.90
N ILE A 350 11.40 7.60 -1.10
CA ILE A 350 10.02 7.16 -0.90
C ILE A 350 9.64 7.35 0.59
N CYS A 351 10.53 6.90 1.47
CA CYS A 351 10.32 7.02 2.90
C CYS A 351 10.11 8.50 3.31
N LEU A 352 11.06 9.34 2.88
CA LEU A 352 10.96 10.77 3.11
C LEU A 352 9.65 11.37 2.62
N GLU A 353 9.21 10.97 1.42
CA GLU A 353 7.95 11.51 0.87
C GLU A 353 6.73 11.07 1.76
N ALA A 354 6.74 9.81 2.15
CA ALA A 354 5.65 9.26 2.96
C ALA A 354 5.65 9.90 4.36
N GLN A 355 6.82 10.12 4.90
CA GLN A 355 6.88 10.71 6.21
C GLN A 355 6.30 12.16 6.23
N SER A 356 6.58 12.90 5.16
CA SER A 356 6.08 14.28 5.02
C SER A 356 4.58 14.30 4.99
N ALA A 357 3.95 13.22 4.57
CA ALA A 357 2.51 13.15 4.57
C ALA A 357 1.96 12.54 5.87
N LEU A 358 2.80 11.89 6.66
CA LEU A 358 2.34 11.11 7.79
C LEU A 358 2.09 12.08 8.94
N ASN A 359 0.94 11.95 9.60
CA ASN A 359 0.60 12.76 10.77
C ASN A 359 1.11 12.10 12.08
N GLU A 360 2.30 12.52 12.55
CA GLU A 360 2.94 11.85 13.69
C GLU A 360 2.07 12.00 14.96
N TYR A 361 1.34 13.12 15.06
CA TYR A 361 0.48 13.36 16.23
C TYR A 361 -0.53 12.25 16.48
N VAL A 362 -1.04 11.64 15.39
CA VAL A 362 -1.95 10.52 15.50
C VAL A 362 -1.24 9.36 16.21
N PHE A 363 0.05 9.09 15.91
CA PHE A 363 0.70 7.97 16.55
C PHE A 363 0.86 8.34 18.02
N PHE A 364 1.35 9.53 18.26
CA PHE A 364 1.61 9.97 19.65
C PHE A 364 0.35 9.84 20.52
N ASN A 365 -0.74 10.41 20.02
CA ASN A 365 -2.01 10.42 20.74
C ASN A 365 -2.64 8.99 20.89
N SER A 366 -2.61 8.17 19.83
CA SER A 366 -3.15 6.81 19.97
C SER A 366 -2.30 6.09 20.95
N ILE A 367 -0.96 6.27 20.90
CA ILE A 367 -0.17 5.50 21.81
C ILE A 367 -0.35 5.96 23.26
N LYS A 368 -0.41 7.30 23.45
CA LYS A 368 -0.60 7.80 24.81
C LYS A 368 -1.94 7.29 25.43
N LYS A 369 -3.03 7.33 24.67
CA LYS A 369 -4.34 6.90 25.20
C LYS A 369 -4.36 5.47 25.63
N LEU A 370 -3.49 4.62 25.08
CA LEU A 370 -3.46 3.23 25.53
C LEU A 370 -2.69 2.98 26.85
N GLN A 371 -1.94 3.97 27.38
CA GLN A 371 -1.16 3.72 28.62
C GLN A 371 -2.07 3.52 29.80
N HIS A 372 -1.77 2.58 30.67
CA HIS A 372 -2.61 2.43 31.87
C HIS A 372 -2.10 3.38 32.97
N ILE A 373 -3.03 4.03 33.69
CA ILE A 373 -2.75 5.03 34.73
C ILE A 373 -2.87 4.26 36.05
N PRO A 374 -1.87 4.35 36.97
CA PRO A 374 -0.66 5.15 36.96
C PRO A 374 0.33 4.59 35.96
N MET A 375 0.98 5.47 35.24
CA MET A 375 2.18 5.18 34.44
C MET A 375 3.36 5.15 35.36
N SER A 376 4.42 4.44 35.00
CA SER A 376 5.67 4.61 35.72
C SER A 376 6.31 5.92 35.35
N ALA A 377 7.27 6.35 36.18
CA ALA A 377 8.01 7.58 35.97
C ALA A 377 8.62 7.68 34.54
N ASP A 378 9.24 6.62 34.03
CA ASP A 378 9.91 6.68 32.72
C ASP A 378 8.94 7.04 31.61
N GLU A 379 7.86 6.30 31.58
CA GLU A 379 6.83 6.44 30.61
C GLU A 379 6.20 7.83 30.67
N ALA A 380 5.90 8.29 31.90
CA ALA A 380 5.37 9.63 32.10
C ALA A 380 6.34 10.70 31.60
N VAL A 381 7.62 10.55 31.94
CA VAL A 381 8.56 11.58 31.51
C VAL A 381 8.69 11.63 29.96
N CYS A 382 8.82 10.48 29.28
CA CYS A 382 9.01 10.48 27.83
C CYS A 382 7.77 10.96 27.09
N SER A 383 6.57 10.44 27.41
CA SER A 383 5.32 10.92 26.76
C SER A 383 5.10 12.45 27.03
N SER A 384 5.33 12.90 28.26
CA SER A 384 5.27 14.39 28.53
C SER A 384 6.23 15.18 27.72
N ALA A 385 7.48 14.68 27.64
CA ALA A 385 8.52 15.35 26.88
C ALA A 385 8.08 15.48 25.40
N VAL A 386 7.54 14.41 24.84
CA VAL A 386 7.05 14.48 23.46
C VAL A 386 5.80 15.42 23.37
N ASN A 387 4.91 15.33 24.36
CA ASN A 387 3.77 16.28 24.42
C ASN A 387 4.28 17.74 24.43
N SER A 388 5.33 17.99 25.20
CA SER A 388 5.92 19.33 25.30
C SER A 388 6.48 19.77 23.92
N VAL A 389 6.96 18.83 23.11
CA VAL A 389 7.40 19.17 21.76
C VAL A 389 6.24 19.74 20.94
N TYR A 390 5.13 18.99 20.90
CA TYR A 390 3.93 19.47 20.18
C TYR A 390 3.42 20.83 20.74
N GLU A 391 3.41 20.96 22.07
CA GLU A 391 2.86 22.13 22.72
C GLU A 391 3.70 23.39 22.51
N THR A 392 5.02 23.28 22.57
CA THR A 392 5.88 24.42 22.28
C THR A 392 6.37 24.48 20.82
N LYS A 393 6.03 23.49 19.97
CA LYS A 393 6.59 23.39 18.61
C LYS A 393 8.10 23.40 18.65
N ALA A 394 8.66 22.66 19.59
CA ALA A 394 10.09 22.51 19.71
C ALA A 394 10.60 21.90 18.45
N LYS A 395 11.86 22.20 18.09
CA LYS A 395 12.37 21.71 16.79
C LYS A 395 13.35 20.55 16.86
N ALA A 396 13.69 20.13 18.07
CA ALA A 396 14.50 18.93 18.25
C ALA A 396 14.33 18.39 19.67
N MET A 397 14.67 17.10 19.88
CA MET A 397 14.82 16.55 21.19
C MET A 397 16.23 16.09 21.39
N VAL A 398 16.71 16.12 22.62
CA VAL A 398 18.01 15.57 22.92
C VAL A 398 17.80 14.66 24.09
N VAL A 399 18.19 13.39 23.94
CA VAL A 399 17.92 12.40 24.96
C VAL A 399 19.26 11.79 25.31
N LEU A 400 19.66 11.85 26.58
CA LEU A 400 20.94 11.26 26.96
C LEU A 400 20.54 9.87 27.33
N SER A 401 21.16 8.85 26.72
CA SER A 401 20.77 7.44 27.04
C SER A 401 22.05 6.64 26.96
N ASN A 402 22.37 5.87 27.98
CA ASN A 402 23.51 4.97 27.85
C ASN A 402 23.24 3.65 27.10
N THR A 403 22.17 2.93 27.45
CA THR A 403 21.88 1.63 26.83
C THR A 403 21.01 1.81 25.58
N GLY A 404 20.46 2.99 25.42
CA GLY A 404 19.49 3.26 24.33
C GLY A 404 18.02 3.12 24.77
N ARG A 405 17.76 2.65 25.96
CA ARG A 405 16.39 2.45 26.41
C ARG A 405 15.49 3.70 26.39
N SER A 406 15.96 4.76 26.99
CA SER A 406 15.21 6.06 27.00
C SER A 406 15.04 6.62 25.60
N ALA A 407 16.00 6.39 24.69
CA ALA A 407 15.85 6.93 23.34
C ALA A 407 14.74 6.20 22.59
N ARG A 408 14.68 4.88 22.77
CA ARG A 408 13.61 4.12 22.17
C ARG A 408 12.24 4.44 22.80
N LEU A 409 12.27 4.74 24.09
CA LEU A 409 11.00 5.08 24.75
C LEU A 409 10.49 6.45 24.25
N VAL A 410 11.39 7.40 23.99
CA VAL A 410 10.97 8.64 23.43
C VAL A 410 10.52 8.48 21.99
N ALA A 411 11.30 7.73 21.18
CA ALA A 411 10.93 7.51 19.77
C ALA A 411 9.55 6.86 19.65
N LYS A 412 9.23 5.97 20.60
CA LYS A 412 7.89 5.29 20.63
C LYS A 412 6.72 6.32 20.54
N TYR A 413 6.91 7.49 21.16
CA TYR A 413 5.89 8.51 21.27
C TYR A 413 5.84 9.45 20.05
N ARG A 414 6.72 9.28 19.07
CA ARG A 414 6.58 9.91 17.77
C ARG A 414 6.49 11.45 17.77
N PRO A 415 7.53 12.10 18.28
CA PRO A 415 7.50 13.56 18.18
C PRO A 415 7.54 13.95 16.73
N ASN A 416 7.20 15.18 16.40
CA ASN A 416 7.31 15.56 14.97
C ASN A 416 8.58 16.35 14.69
N CYS A 417 9.67 15.99 15.35
CA CYS A 417 10.98 16.63 15.15
C CYS A 417 12.01 15.51 15.34
N PRO A 418 13.28 15.74 14.90
CA PRO A 418 14.29 14.70 15.15
C PRO A 418 14.62 14.53 16.61
N ILE A 419 15.09 13.32 16.92
CA ILE A 419 15.53 13.02 18.24
C ILE A 419 17.06 12.80 18.06
N VAL A 420 17.85 13.48 18.89
CA VAL A 420 19.32 13.30 18.89
C VAL A 420 19.59 12.59 20.17
N CYS A 421 20.05 11.36 20.08
CA CYS A 421 20.45 10.67 21.27
C CYS A 421 21.95 10.85 21.55
N VAL A 422 22.28 11.28 22.77
CA VAL A 422 23.71 11.40 23.13
C VAL A 422 24.06 10.23 24.04
N THR A 423 24.92 9.34 23.61
CA THR A 423 25.12 8.15 24.44
C THR A 423 26.64 7.99 24.72
N THR A 424 27.00 7.28 25.78
CA THR A 424 28.40 7.05 26.06
C THR A 424 28.80 5.65 25.53
N ARG A 425 27.96 5.00 24.70
CA ARG A 425 28.36 3.67 24.11
C ARG A 425 28.21 3.68 22.64
N LEU A 426 29.32 3.36 21.95
CA LEU A 426 29.25 3.21 20.50
C LEU A 426 28.26 2.15 20.12
N GLN A 427 28.14 1.10 20.91
CA GLN A 427 27.26 0.05 20.43
C GLN A 427 25.77 0.52 20.51
N THR A 428 25.49 1.46 21.43
CA THR A 428 24.16 2.12 21.41
C THR A 428 23.95 2.95 20.19
N CYS A 429 24.97 3.72 19.78
CA CYS A 429 24.85 4.40 18.48
C CYS A 429 24.49 3.39 17.39
N ARG A 430 25.13 2.25 17.37
CA ARG A 430 24.84 1.30 16.24
C ARG A 430 23.44 0.66 16.43
N GLN A 431 23.10 0.26 17.63
CA GLN A 431 21.82 -0.40 17.83
C GLN A 431 20.58 0.52 17.59
N LEU A 432 20.72 1.82 17.83
CA LEU A 432 19.63 2.73 17.59
C LEU A 432 19.37 2.96 16.12
N ASN A 433 20.27 2.49 15.23
CA ASN A 433 20.00 2.49 13.81
C ASN A 433 18.81 1.72 13.29
N ILE A 434 18.21 0.87 14.15
CA ILE A 434 16.96 0.30 13.76
C ILE A 434 15.71 0.98 14.42
N THR A 435 15.92 2.11 15.11
CA THR A 435 14.82 2.91 15.69
C THR A 435 14.56 4.15 14.84
N GLN A 436 13.29 4.34 14.40
CA GLN A 436 13.03 5.44 13.55
C GLN A 436 13.23 6.71 14.31
N GLY A 437 13.63 7.73 13.58
CA GLY A 437 13.54 9.12 14.06
C GLY A 437 14.62 9.58 15.04
N VAL A 438 15.64 8.76 15.23
CA VAL A 438 16.74 9.04 16.19
C VAL A 438 18.07 9.08 15.42
N GLU A 439 18.99 9.97 15.77
CA GLU A 439 20.36 9.93 15.29
C GLU A 439 21.19 10.02 16.56
N SER A 440 22.29 9.30 16.60
CA SER A 440 23.09 9.23 17.80
C SER A 440 24.48 9.93 17.69
N VAL A 441 24.93 10.44 18.82
CA VAL A 441 26.18 11.17 19.00
C VAL A 441 26.84 10.44 20.14
N PHE A 442 28.03 9.91 19.87
CA PHE A 442 28.90 9.27 20.87
C PHE A 442 29.64 10.30 21.74
N PHE A 443 29.59 10.10 23.03
CA PHE A 443 30.28 10.94 23.98
C PHE A 443 31.21 9.99 24.74
N ASP A 444 32.53 10.16 24.55
CA ASP A 444 33.49 9.24 25.13
C ASP A 444 33.77 9.72 26.55
N ALA A 445 33.12 9.09 27.51
CA ALA A 445 33.24 9.45 28.93
C ALA A 445 34.69 9.18 29.48
N ASP A 446 35.35 8.13 28.99
CA ASP A 446 36.71 7.83 29.40
C ASP A 446 37.77 8.86 28.91
N LYS A 447 37.45 9.57 27.84
CA LYS A 447 38.30 10.61 27.34
C LYS A 447 37.92 11.94 27.92
N LEU A 448 36.62 12.23 27.98
CA LEU A 448 36.12 13.53 28.35
C LEU A 448 35.53 13.70 29.77
N GLY A 449 35.21 12.62 30.49
CA GLY A 449 34.68 12.80 31.85
C GLY A 449 33.25 12.26 31.93
N HIS A 450 32.82 11.90 33.14
CA HIS A 450 31.45 11.39 33.35
C HIS A 450 30.39 12.45 33.14
N ASP A 451 30.79 13.73 33.08
CA ASP A 451 29.87 14.81 32.78
C ASP A 451 28.63 14.72 33.68
N GLU A 452 28.84 14.53 34.98
CA GLU A 452 27.75 14.24 35.94
C GLU A 452 26.66 15.31 35.91
N GLY A 453 27.04 16.55 35.58
CA GLY A 453 26.10 17.65 35.50
C GLY A 453 25.36 17.70 34.15
N LYS A 454 25.68 16.74 33.25
CA LYS A 454 25.01 16.56 31.96
C LYS A 454 25.20 17.68 31.00
N GLU A 455 25.85 18.78 31.40
CA GLU A 455 26.01 19.90 30.45
C GLU A 455 26.84 19.62 29.18
N HIS A 456 27.92 18.86 29.29
CA HIS A 456 28.71 18.67 28.03
C HIS A 456 27.88 17.79 27.08
N ARG A 457 27.19 16.78 27.61
CA ARG A 457 26.41 15.88 26.70
C ARG A 457 25.23 16.60 26.08
N VAL A 458 24.55 17.45 26.86
CA VAL A 458 23.47 18.27 26.32
C VAL A 458 24.02 19.21 25.26
N ALA A 459 25.13 19.92 25.53
CA ALA A 459 25.73 20.76 24.46
C ALA A 459 26.12 19.95 23.22
N ALA A 460 26.69 18.77 23.45
CA ALA A 460 27.00 17.93 22.25
C ALA A 460 25.69 17.64 21.47
N GLY A 461 24.58 17.41 22.16
CA GLY A 461 23.32 17.17 21.41
C GLY A 461 22.85 18.40 20.67
N VAL A 462 22.71 19.52 21.38
CA VAL A 462 22.28 20.75 20.75
C VAL A 462 23.22 21.12 19.59
N GLU A 463 24.52 20.97 19.78
CA GLU A 463 25.43 21.25 18.64
C GLU A 463 25.20 20.42 17.39
N PHE A 464 25.10 19.10 17.56
CA PHE A 464 24.69 18.22 16.44
C PHE A 464 23.38 18.67 15.77
N ALA A 465 22.36 18.98 16.56
CA ALA A 465 21.11 19.47 15.97
C ALA A 465 21.31 20.75 15.16
N LYS A 466 22.17 21.65 15.68
CA LYS A 466 22.43 22.90 14.90
C LYS A 466 23.20 22.60 13.63
N SER A 467 24.22 21.75 13.69
CA SER A 467 24.96 21.39 12.46
C SER A 467 24.08 20.77 11.37
N LYS A 468 22.98 20.12 11.76
CA LYS A 468 22.06 19.57 10.75
C LYS A 468 21.01 20.55 10.29
N GLY A 469 20.95 21.74 10.86
CA GLY A 469 19.89 22.67 10.47
C GLY A 469 18.57 22.42 11.20
N TYR A 470 18.56 21.56 12.23
CA TYR A 470 17.25 21.23 12.88
C TYR A 470 16.80 22.39 13.76
N VAL A 471 17.76 23.02 14.42
CA VAL A 471 17.45 24.10 15.32
C VAL A 471 18.38 25.26 15.01
N GLN A 472 17.90 26.46 15.29
CA GLN A 472 18.74 27.66 15.33
C GLN A 472 18.41 28.51 16.57
N THR A 473 19.15 29.60 16.77
CA THR A 473 18.89 30.57 17.86
C THR A 473 17.43 30.92 18.04
N GLY A 474 16.96 30.87 19.28
CA GLY A 474 15.56 31.17 19.48
C GLY A 474 14.59 30.01 19.37
N ASP A 475 15.03 28.84 18.87
CA ASP A 475 14.15 27.65 18.83
C ASP A 475 14.17 26.95 20.19
N TYR A 476 13.15 26.12 20.44
CA TYR A 476 13.14 25.27 21.62
C TYR A 476 13.67 23.85 21.33
N CYS A 477 14.30 23.25 22.32
CA CYS A 477 14.74 21.93 22.20
C CYS A 477 14.35 21.27 23.51
N VAL A 478 13.77 20.08 23.42
CA VAL A 478 13.34 19.40 24.65
C VAL A 478 14.39 18.36 24.99
N VAL A 479 14.87 18.38 26.23
CA VAL A 479 15.98 17.57 26.68
C VAL A 479 15.49 16.59 27.69
N ILE A 480 15.92 15.33 27.56
CA ILE A 480 15.62 14.38 28.56
C ILE A 480 16.85 13.57 28.96
N HIS A 481 16.91 13.28 30.26
CA HIS A 481 18.04 12.58 30.85
C HIS A 481 17.68 11.96 32.19
N ALA A 482 18.67 11.29 32.78
CA ALA A 482 18.46 10.58 34.04
C ALA A 482 19.49 11.09 35.02
N TYR A 489 17.41 5.47 33.72
CA TYR A 489 16.65 5.60 32.46
C TYR A 489 16.43 7.09 32.06
N ALA A 490 15.41 7.72 32.60
CA ALA A 490 15.03 9.05 32.12
C ALA A 490 13.90 9.72 32.94
N ASN A 491 14.21 10.44 34.01
CA ASN A 491 13.13 10.97 34.84
C ASN A 491 13.14 12.50 34.91
N GLN A 492 13.86 13.12 33.98
CA GLN A 492 14.18 14.54 34.00
C GLN A 492 14.13 15.23 32.64
N THR A 493 13.49 16.39 32.59
CA THR A 493 13.18 17.05 31.34
C THR A 493 13.49 18.49 31.49
N ARG A 494 13.91 19.14 30.41
CA ARG A 494 14.06 20.59 30.38
C ARG A 494 13.61 21.06 29.03
N ILE A 495 13.07 22.26 28.98
CA ILE A 495 12.78 22.87 27.70
C ILE A 495 13.78 24.03 27.58
N LEU A 496 14.72 23.85 26.64
CA LEU A 496 15.86 24.69 26.48
C LEU A 496 15.63 25.65 25.30
N LEU A 497 15.92 26.91 25.57
CA LEU A 497 16.00 27.92 24.49
C LEU A 497 17.36 27.78 23.83
N VAL A 498 17.39 27.51 22.55
CA VAL A 498 18.66 27.38 21.85
C VAL A 498 19.32 28.77 21.69
N GLU A 499 20.60 28.86 22.01
CA GLU A 499 21.43 30.06 21.74
C GLU A 499 22.06 29.93 20.33
N SER B 2 -6.33 5.96 16.19
CA SER B 2 -7.29 4.86 16.49
C SER B 2 -7.48 3.72 15.49
N GLN B 3 -7.04 3.90 14.26
CA GLN B 3 -6.75 2.70 13.45
C GLN B 3 -5.67 1.88 14.21
N LEU B 4 -4.77 2.59 14.88
CA LEU B 4 -3.67 1.92 15.57
C LEU B 4 -4.24 1.00 16.67
N ALA B 5 -5.12 1.56 17.50
CA ALA B 5 -5.73 0.74 18.54
C ALA B 5 -6.54 -0.39 17.92
N HIS B 6 -7.24 -0.10 16.83
CA HIS B 6 -8.01 -1.18 16.23
C HIS B 6 -7.12 -2.32 15.72
N ASN B 7 -5.98 -1.96 15.11
CA ASN B 7 -5.04 -3.00 14.65
C ASN B 7 -4.69 -3.98 15.77
N LEU B 8 -4.62 -3.50 17.01
CA LEU B 8 -4.06 -4.33 18.09
C LEU B 8 -4.95 -5.57 18.36
N THR B 9 -6.24 -5.40 18.06
CA THR B 9 -7.34 -6.32 18.43
C THR B 9 -7.62 -7.28 17.32
N LEU B 10 -6.96 -7.17 16.18
CA LEU B 10 -7.34 -7.97 15.03
C LEU B 10 -6.65 -9.33 15.07
N SER B 11 -7.26 -10.32 14.42
CA SER B 11 -6.61 -11.64 14.14
C SER B 11 -6.94 -12.01 12.72
N ILE B 12 -5.93 -12.31 11.91
CA ILE B 12 -6.19 -12.68 10.54
C ILE B 12 -6.90 -14.06 10.45
N PHE B 13 -7.00 -14.77 11.57
CA PHE B 13 -7.72 -16.04 11.57
C PHE B 13 -9.18 -15.86 11.97
N ASP B 14 -9.65 -14.65 12.26
CA ASP B 14 -11.11 -14.42 12.44
C ASP B 14 -11.85 -14.42 11.11
N PRO B 15 -13.17 -14.71 11.10
CA PRO B 15 -13.89 -14.62 9.83
C PRO B 15 -14.03 -13.19 9.31
N VAL B 16 -14.08 -13.05 7.98
CA VAL B 16 -14.30 -11.76 7.32
C VAL B 16 -15.73 -11.23 7.53
N ALA B 17 -15.93 -9.92 7.40
CA ALA B 17 -17.26 -9.30 7.46
C ALA B 17 -18.24 -10.06 6.56
N ASN B 18 -19.52 -9.95 6.86
CA ASN B 18 -20.55 -10.60 6.04
C ASN B 18 -21.02 -9.77 4.81
N TYR B 19 -20.34 -8.66 4.49
CA TYR B 19 -20.70 -7.84 3.30
C TYR B 19 -19.42 -7.18 2.83
N ARG B 20 -19.37 -6.84 1.55
CA ARG B 20 -18.18 -6.15 1.09
C ARG B 20 -18.69 -4.78 0.75
N ALA B 21 -18.06 -3.74 1.29
CA ALA B 21 -18.51 -2.37 1.07
C ALA B 21 -17.92 -1.80 -0.19
N ALA B 22 -16.63 -2.04 -0.45
CA ALA B 22 -16.07 -1.42 -1.71
C ALA B 22 -16.68 -1.96 -3.01
N ARG B 23 -16.64 -1.17 -4.08
CA ARG B 23 -17.28 -1.53 -5.34
C ARG B 23 -16.25 -1.70 -6.47
N ILE B 24 -16.55 -2.67 -7.33
CA ILE B 24 -15.60 -3.08 -8.35
C ILE B 24 -16.14 -2.66 -9.72
N ILE B 25 -15.30 -1.90 -10.44
CA ILE B 25 -15.62 -1.38 -11.77
C ILE B 25 -14.80 -2.19 -12.78
N CYS B 26 -15.42 -2.70 -13.84
CA CYS B 26 -14.67 -3.45 -14.87
C CYS B 26 -14.80 -2.85 -16.27
N THR B 27 -13.67 -2.79 -16.98
CA THR B 27 -13.64 -2.30 -18.34
C THR B 27 -14.02 -3.50 -19.22
N ILE B 28 -15.00 -3.29 -20.07
CA ILE B 28 -15.44 -4.29 -21.02
C ILE B 28 -14.57 -4.20 -22.28
N GLY B 29 -14.19 -5.36 -22.77
CA GLY B 29 -13.55 -5.45 -24.14
C GLY B 29 -13.85 -6.83 -24.75
N PRO B 30 -13.02 -7.25 -25.73
CA PRO B 30 -13.29 -8.50 -26.44
C PRO B 30 -13.23 -9.74 -25.54
N SER B 31 -12.44 -9.78 -24.50
CA SER B 31 -12.57 -10.91 -23.57
C SER B 31 -13.95 -10.91 -22.92
N THR B 32 -14.63 -9.78 -22.82
CA THR B 32 -15.68 -9.73 -21.79
C THR B 32 -17.02 -9.25 -22.25
N GLN B 33 -17.16 -8.97 -23.56
CA GLN B 33 -18.34 -8.34 -24.09
C GLN B 33 -19.57 -9.19 -24.20
N SER B 34 -19.40 -10.50 -24.19
CA SER B 34 -20.52 -11.38 -24.51
C SER B 34 -21.43 -11.46 -23.28
N VAL B 35 -22.74 -11.76 -23.47
CA VAL B 35 -23.58 -11.95 -22.31
C VAL B 35 -23.11 -12.96 -21.23
N GLU B 36 -22.58 -14.11 -21.64
CA GLU B 36 -22.07 -15.05 -20.65
C GLU B 36 -20.84 -14.52 -19.89
N ALA B 37 -19.98 -13.79 -20.58
CA ALA B 37 -18.78 -13.37 -19.90
C ALA B 37 -19.20 -12.24 -18.92
N LEU B 38 -20.18 -11.45 -19.32
CA LEU B 38 -20.65 -10.36 -18.46
C LEU B 38 -21.29 -10.95 -17.22
N LYS B 39 -22.03 -12.04 -17.39
CA LYS B 39 -22.64 -12.74 -16.26
C LYS B 39 -21.59 -13.26 -15.33
N GLY B 40 -20.53 -13.85 -15.86
CA GLY B 40 -19.41 -14.27 -15.03
C GLY B 40 -18.77 -13.08 -14.28
N LEU B 41 -18.60 -11.94 -14.96
CA LEU B 41 -18.15 -10.72 -14.26
C LEU B 41 -19.03 -10.29 -13.06
N ILE B 42 -20.35 -10.23 -13.30
CA ILE B 42 -21.33 -9.90 -12.30
C ILE B 42 -21.25 -10.85 -11.08
N GLN B 43 -21.36 -12.17 -11.34
CA GLN B 43 -21.25 -13.09 -10.25
C GLN B 43 -19.88 -13.01 -9.57
N SER B 44 -18.81 -12.66 -10.30
CA SER B 44 -17.50 -12.55 -9.67
C SER B 44 -17.35 -11.25 -8.83
N GLY B 45 -18.23 -10.27 -9.00
CA GLY B 45 -18.15 -9.00 -8.18
C GLY B 45 -18.20 -7.64 -8.90
N MET B 46 -18.49 -7.64 -10.21
CA MET B 46 -18.58 -6.40 -10.95
C MET B 46 -19.85 -5.68 -10.57
N SER B 47 -19.73 -4.39 -10.24
CA SER B 47 -20.88 -3.58 -10.04
C SER B 47 -21.09 -2.56 -11.15
N VAL B 48 -20.00 -2.19 -11.84
CA VAL B 48 -20.03 -1.17 -12.89
C VAL B 48 -19.27 -1.70 -14.17
N ALA B 49 -19.92 -1.54 -15.33
CA ALA B 49 -19.29 -1.84 -16.60
C ALA B 49 -18.77 -0.57 -17.18
N ARG B 50 -17.45 -0.49 -17.30
CA ARG B 50 -16.86 0.68 -17.94
C ARG B 50 -16.60 0.41 -19.49
N MET B 51 -17.08 1.34 -20.31
CA MET B 51 -16.79 1.38 -21.76
C MET B 51 -15.68 2.36 -21.98
N ASN B 52 -14.54 1.92 -22.51
CA ASN B 52 -13.48 2.85 -22.84
C ASN B 52 -13.62 3.40 -24.28
N PHE B 53 -14.14 4.62 -24.39
CA PHE B 53 -14.40 5.24 -25.70
C PHE B 53 -13.14 5.75 -26.42
N SER B 54 -11.98 5.47 -25.88
CA SER B 54 -10.75 5.62 -26.63
C SER B 54 -10.63 4.61 -27.81
N HIS B 55 -11.35 3.49 -27.77
CA HIS B 55 -11.32 2.41 -28.80
C HIS B 55 -12.74 2.02 -29.13
N GLY B 56 -12.92 1.43 -30.32
CA GLY B 56 -14.22 0.89 -30.73
C GLY B 56 -15.19 1.92 -31.23
N SER B 57 -16.18 1.47 -31.99
CA SER B 57 -17.16 2.31 -32.64
C SER B 57 -18.41 2.38 -31.79
N HIS B 58 -19.31 3.31 -32.10
CA HIS B 58 -20.60 3.38 -31.39
C HIS B 58 -21.35 2.07 -31.43
N GLU B 59 -21.31 1.42 -32.58
CA GLU B 59 -21.95 0.10 -32.71
C GLU B 59 -21.34 -0.92 -31.73
N TYR B 60 -20.03 -0.89 -31.61
CA TYR B 60 -19.34 -1.78 -30.70
C TYR B 60 -19.81 -1.48 -29.24
N HIS B 61 -19.85 -0.20 -28.86
CA HIS B 61 -20.28 0.19 -27.49
C HIS B 61 -21.77 -0.07 -27.27
N GLN B 62 -22.57 0.14 -28.32
CA GLN B 62 -23.98 -0.29 -28.29
C GLN B 62 -24.18 -1.78 -27.90
N THR B 63 -23.38 -2.64 -28.49
CA THR B 63 -23.41 -4.07 -28.15
C THR B 63 -23.02 -4.30 -26.65
N THR B 64 -22.02 -3.56 -26.14
CA THR B 64 -21.67 -3.63 -24.69
C THR B 64 -22.87 -3.21 -23.84
N ILE B 65 -23.50 -2.12 -24.23
CA ILE B 65 -24.67 -1.64 -23.52
C ILE B 65 -25.76 -2.67 -23.47
N ASN B 66 -26.05 -3.26 -24.65
CA ASN B 66 -27.17 -4.19 -24.77
C ASN B 66 -26.87 -5.46 -23.99
N ASN B 67 -25.63 -5.91 -24.08
CA ASN B 67 -25.30 -7.18 -23.45
C ASN B 67 -25.25 -7.02 -21.91
N VAL B 68 -24.78 -5.86 -21.44
CA VAL B 68 -24.73 -5.58 -19.98
C VAL B 68 -26.17 -5.66 -19.44
N ARG B 69 -27.06 -4.93 -20.09
CA ARG B 69 -28.50 -4.94 -19.70
C ARG B 69 -29.09 -6.34 -19.71
N GLN B 70 -28.77 -7.12 -20.75
CA GLN B 70 -29.28 -8.51 -20.82
C GLN B 70 -28.69 -9.41 -19.75
N ALA B 71 -27.37 -9.35 -19.54
CA ALA B 71 -26.74 -10.14 -18.46
C ALA B 71 -27.32 -9.73 -17.05
N ALA B 72 -27.43 -8.42 -16.83
CA ALA B 72 -27.95 -7.95 -15.52
C ALA B 72 -29.38 -8.47 -15.37
N ALA B 73 -30.17 -8.39 -16.45
CA ALA B 73 -31.61 -8.77 -16.36
C ALA B 73 -31.74 -10.24 -16.04
N GLU B 74 -30.87 -11.06 -16.61
CA GLU B 74 -30.99 -12.50 -16.40
C GLU B 74 -30.56 -12.83 -14.99
N LEU B 75 -29.67 -12.03 -14.40
CA LEU B 75 -29.29 -12.28 -13.02
C LEU B 75 -30.19 -11.52 -11.97
N GLY B 76 -31.11 -10.70 -12.45
CA GLY B 76 -31.91 -9.86 -11.55
C GLY B 76 -31.15 -8.82 -10.72
N VAL B 77 -30.24 -8.07 -11.32
CA VAL B 77 -29.45 -7.10 -10.59
C VAL B 77 -29.44 -5.91 -11.48
N ASN B 78 -28.95 -4.81 -10.93
CA ASN B 78 -28.85 -3.60 -11.65
C ASN B 78 -27.41 -3.27 -11.72
N ILE B 79 -26.88 -2.98 -12.93
CA ILE B 79 -25.44 -2.77 -13.08
C ILE B 79 -25.25 -1.42 -13.67
N ALA B 80 -24.31 -0.63 -13.14
CA ALA B 80 -24.10 0.66 -13.73
C ALA B 80 -23.34 0.57 -15.10
N ILE B 81 -23.62 1.52 -15.99
CA ILE B 81 -22.86 1.65 -17.25
C ILE B 81 -22.17 2.99 -17.28
N ALA B 82 -20.86 2.96 -17.40
CA ALA B 82 -20.09 4.14 -17.46
C ALA B 82 -19.41 4.33 -18.82
N LEU B 83 -19.46 5.58 -19.30
CA LEU B 83 -18.80 5.97 -20.54
C LEU B 83 -17.59 6.78 -20.18
N ASP B 84 -16.41 6.24 -20.49
CA ASP B 84 -15.13 6.89 -20.22
C ASP B 84 -14.63 7.56 -21.54
N THR B 85 -14.52 8.89 -21.58
CA THR B 85 -14.25 9.65 -22.82
C THR B 85 -12.80 9.54 -23.26
N LYS B 86 -12.58 9.55 -24.58
CA LYS B 86 -11.22 9.60 -25.13
C LYS B 86 -10.52 10.84 -24.62
N GLY B 87 -11.22 11.97 -24.66
CA GLY B 87 -10.66 13.23 -24.20
C GLY B 87 -9.73 13.86 -25.23
N PRO B 88 -9.23 15.08 -24.92
CA PRO B 88 -8.41 15.75 -25.92
C PRO B 88 -7.01 15.18 -25.90
N GLU B 89 -6.29 15.26 -27.01
CA GLU B 89 -4.89 14.78 -27.08
C GLU B 89 -3.97 15.59 -27.97
N ILE B 90 -2.67 15.44 -27.72
CA ILE B 90 -1.69 15.97 -28.61
C ILE B 90 -0.96 14.80 -29.25
N ARG B 91 -1.33 14.57 -30.51
CA ARG B 91 -0.72 13.53 -31.31
C ARG B 91 0.41 14.15 -32.13
N THR B 92 1.58 13.51 -32.11
CA THR B 92 2.60 13.77 -33.12
C THR B 92 2.00 13.33 -34.46
N GLY B 93 2.55 13.82 -35.56
CA GLY B 93 2.05 13.44 -36.88
C GLY B 93 2.65 12.14 -37.40
N GLN B 94 3.04 12.17 -38.67
CA GLN B 94 3.71 11.06 -39.35
C GLN B 94 5.20 11.38 -39.58
N PHE B 95 6.00 10.33 -39.83
CA PHE B 95 7.45 10.45 -40.01
C PHE B 95 7.97 10.04 -41.41
N VAL B 96 9.29 9.83 -41.51
CA VAL B 96 9.91 9.17 -42.66
C VAL B 96 9.76 7.65 -42.44
N GLY B 97 8.96 7.01 -43.29
CA GLY B 97 8.63 5.59 -43.17
C GLY B 97 7.85 5.23 -41.91
N GLY B 98 7.65 6.21 -41.03
CA GLY B 98 6.97 6.00 -39.74
C GLY B 98 7.89 6.04 -38.51
N ASP B 99 9.20 6.02 -38.76
CA ASP B 99 10.23 5.92 -37.69
C ASP B 99 11.29 7.04 -37.79
N ALA B 100 12.27 6.95 -36.89
CA ALA B 100 13.45 7.82 -36.80
C ALA B 100 13.96 7.00 -35.60
N VAL B 101 15.21 7.26 -35.18
CA VAL B 101 15.79 7.05 -33.86
C VAL B 101 16.33 8.37 -33.28
N MET B 102 15.78 8.77 -32.12
CA MET B 102 16.30 9.93 -31.38
C MET B 102 17.36 9.49 -30.37
N GLU B 103 18.47 10.26 -30.30
CA GLU B 103 19.55 9.95 -29.36
C GLU B 103 19.96 11.18 -28.57
N ARG B 104 20.68 10.93 -27.47
CA ARG B 104 21.24 11.96 -26.60
C ARG B 104 22.07 12.98 -27.39
N GLY B 105 22.04 14.25 -26.97
CA GLY B 105 22.76 15.32 -27.69
C GLY B 105 22.08 15.80 -28.96
N ALA B 106 21.80 14.88 -29.91
CA ALA B 106 21.23 15.18 -31.25
C ALA B 106 20.09 16.20 -31.26
N THR B 107 20.16 17.16 -32.19
CA THR B 107 19.22 18.31 -32.26
C THR B 107 17.88 17.98 -32.97
N CYS B 108 16.77 18.32 -32.31
CA CYS B 108 15.44 18.12 -32.87
C CYS B 108 14.60 19.39 -32.93
N TYR B 109 13.78 19.49 -33.97
CA TYR B 109 12.91 20.65 -34.21
C TYR B 109 11.43 20.22 -34.33
N VAL B 110 10.61 20.63 -33.36
CA VAL B 110 9.17 20.32 -33.38
C VAL B 110 8.38 21.47 -34.02
N THR B 111 7.35 21.13 -34.80
CA THR B 111 6.62 22.14 -35.57
C THR B 111 5.13 22.23 -35.21
N THR B 112 4.63 23.47 -35.18
CA THR B 112 3.19 23.74 -35.14
C THR B 112 2.60 24.05 -36.54
N ASP B 113 3.46 24.11 -37.56
CA ASP B 113 3.07 24.28 -38.98
C ASP B 113 2.47 22.99 -39.57
N PRO B 114 1.33 23.13 -40.30
CA PRO B 114 0.53 21.98 -40.76
C PRO B 114 1.06 21.19 -41.98
N ALA B 115 1.85 21.84 -42.83
CA ALA B 115 2.39 21.19 -44.05
C ALA B 115 3.30 19.99 -43.73
N PHE B 116 3.91 20.01 -42.55
CA PHE B 116 4.80 18.93 -42.07
C PHE B 116 4.06 17.79 -41.32
N ALA B 117 2.75 17.66 -41.57
CA ALA B 117 1.90 16.60 -40.96
C ALA B 117 2.30 15.20 -41.39
N ASP B 118 2.70 15.10 -42.65
CA ASP B 118 3.20 13.88 -43.28
C ASP B 118 4.72 13.74 -43.13
N LYS B 119 5.44 14.68 -43.74
CA LYS B 119 6.90 14.63 -43.86
C LYS B 119 7.66 15.04 -42.58
N GLY B 120 7.88 14.05 -41.72
CA GLY B 120 8.69 14.22 -40.51
C GLY B 120 9.99 13.43 -40.62
N THR B 121 10.88 13.62 -39.65
CA THR B 121 12.22 13.01 -39.69
C THR B 121 12.72 12.70 -38.26
N LYS B 122 13.99 12.33 -38.13
CA LYS B 122 14.65 12.35 -36.82
C LYS B 122 15.09 13.78 -36.47
N ASP B 123 15.22 14.62 -37.50
CA ASP B 123 15.55 16.03 -37.34
C ASP B 123 14.33 16.83 -36.88
N LYS B 124 13.41 17.02 -37.81
CA LYS B 124 12.29 17.96 -37.67
C LYS B 124 10.99 17.23 -37.98
N PHE B 125 10.00 17.35 -37.08
CA PHE B 125 8.70 16.65 -37.19
C PHE B 125 7.50 17.50 -36.73
N TYR B 126 6.40 16.84 -36.35
CA TYR B 126 5.11 17.51 -36.15
C TYR B 126 4.34 17.18 -34.84
N ILE B 127 3.58 18.18 -34.35
CA ILE B 127 2.73 18.11 -33.13
C ILE B 127 1.47 19.00 -33.34
N ASP B 128 0.29 18.45 -33.09
CA ASP B 128 -0.98 19.15 -33.42
C ASP B 128 -1.50 20.14 -32.38
N TYR B 129 -0.80 20.29 -31.26
CA TYR B 129 -1.20 21.26 -30.24
C TYR B 129 -0.63 22.61 -30.63
N GLN B 130 -1.48 23.50 -31.13
CA GLN B 130 -1.04 24.80 -31.64
C GLN B 130 -0.48 25.75 -30.59
N ASN B 131 -0.99 25.65 -29.36
CA ASN B 131 -0.45 26.40 -28.24
C ASN B 131 0.87 25.88 -27.70
N LEU B 132 1.44 24.90 -28.38
CA LEU B 132 2.67 24.27 -27.91
C LEU B 132 3.74 25.30 -27.57
N SER B 133 4.13 26.09 -28.56
CA SER B 133 5.24 27.05 -28.40
C SER B 133 4.98 28.11 -27.33
N LYS B 134 3.76 28.67 -27.33
CA LYS B 134 3.39 29.73 -26.38
C LYS B 134 3.06 29.27 -24.95
N VAL B 135 3.09 27.95 -24.72
CA VAL B 135 2.90 27.36 -23.37
C VAL B 135 4.26 26.90 -22.82
N VAL B 136 4.98 26.07 -23.59
CA VAL B 136 6.29 25.52 -23.21
C VAL B 136 7.39 26.60 -23.17
N ARG B 137 7.97 26.79 -21.99
CA ARG B 137 8.99 27.82 -21.73
C ARG B 137 10.44 27.34 -22.04
N PRO B 138 11.42 28.28 -22.09
CA PRO B 138 12.82 27.86 -22.31
C PRO B 138 13.37 26.95 -21.20
N GLY B 139 13.57 25.67 -21.51
CA GLY B 139 14.14 24.71 -20.55
C GLY B 139 13.20 23.60 -20.09
N ASN B 140 11.90 23.75 -20.40
CA ASN B 140 10.87 22.76 -20.04
C ASN B 140 11.10 21.39 -20.70
N TYR B 141 10.26 20.43 -20.34
CA TYR B 141 10.40 19.07 -20.86
C TYR B 141 9.24 18.70 -21.78
N ILE B 142 9.57 18.15 -22.95
CA ILE B 142 8.58 17.48 -23.80
C ILE B 142 8.78 15.99 -23.68
N TYR B 143 7.84 15.33 -22.99
CA TYR B 143 7.76 13.88 -22.99
C TYR B 143 6.94 13.48 -24.21
N ILE B 144 7.32 12.37 -24.83
CA ILE B 144 6.63 11.88 -26.02
C ILE B 144 6.64 10.36 -26.08
N ASP B 145 5.61 9.74 -25.53
CA ASP B 145 5.49 8.28 -25.52
C ASP B 145 5.49 7.74 -24.10
N ASP B 146 4.39 7.93 -23.39
CA ASP B 146 4.26 7.46 -22.02
C ASP B 146 5.33 8.06 -21.12
N GLY B 147 5.97 9.13 -21.61
CA GLY B 147 7.02 9.81 -20.85
C GLY B 147 8.40 9.21 -21.04
N ILE B 148 8.49 8.16 -21.87
CA ILE B 148 9.74 7.42 -22.10
C ILE B 148 10.77 8.20 -22.96
N LEU B 149 10.31 8.91 -24.00
CA LEU B 149 11.15 9.93 -24.65
C LEU B 149 10.96 11.28 -23.95
N ILE B 150 12.06 11.83 -23.43
CA ILE B 150 12.14 13.21 -22.95
C ILE B 150 12.90 14.06 -24.02
N LEU B 151 12.45 15.29 -24.20
CA LEU B 151 13.16 16.27 -25.03
C LEU B 151 13.17 17.56 -24.22
N GLN B 152 14.26 18.33 -24.30
CA GLN B 152 14.27 19.62 -23.60
C GLN B 152 14.17 20.81 -24.54
N VAL B 153 13.08 21.56 -24.38
CA VAL B 153 12.88 22.84 -25.08
C VAL B 153 13.99 23.83 -24.68
N GLN B 154 14.80 24.20 -25.67
CA GLN B 154 15.87 25.18 -25.48
C GLN B 154 15.32 26.58 -25.67
N SER B 155 15.15 26.98 -26.93
CA SER B 155 14.54 28.27 -27.25
C SER B 155 13.51 28.11 -28.36
N HIS B 156 12.72 29.15 -28.54
CA HIS B 156 11.81 29.25 -29.67
C HIS B 156 12.61 29.52 -30.97
N GLU B 157 12.84 28.46 -31.76
CA GLU B 157 13.49 28.58 -33.07
C GLU B 157 12.76 29.60 -33.97
N ASP B 158 11.43 29.61 -33.89
CA ASP B 158 10.59 30.72 -34.38
C ASP B 158 9.26 30.78 -33.60
N GLU B 159 8.26 31.42 -34.19
CA GLU B 159 6.92 31.50 -33.63
C GLU B 159 6.32 30.10 -33.46
N GLN B 160 6.31 29.34 -34.56
CA GLN B 160 5.70 28.00 -34.61
C GLN B 160 6.71 26.84 -34.55
N THR B 161 7.89 27.08 -33.97
CA THR B 161 8.92 26.04 -33.84
C THR B 161 9.61 26.14 -32.47
N LEU B 162 10.16 25.00 -32.01
CA LEU B 162 10.91 24.91 -30.76
C LEU B 162 12.26 24.20 -30.98
N GLU B 163 13.35 24.80 -30.50
CA GLU B 163 14.70 24.23 -30.62
C GLU B 163 15.01 23.28 -29.44
N CYS B 164 15.26 22.00 -29.73
CA CYS B 164 15.33 20.97 -28.67
C CYS B 164 16.58 20.08 -28.56
N THR B 165 17.10 19.97 -27.35
CA THR B 165 17.94 18.84 -26.97
C THR B 165 17.03 17.61 -26.91
N VAL B 166 17.48 16.51 -27.52
CA VAL B 166 16.98 15.18 -27.16
C VAL B 166 17.84 14.77 -25.94
N THR B 167 17.24 14.71 -24.74
CA THR B 167 18.01 14.39 -23.50
C THR B 167 18.18 12.87 -23.20
N ASN B 168 17.72 12.02 -24.13
CA ASN B 168 17.94 10.55 -24.08
C ASN B 168 17.72 9.81 -25.44
N SER B 169 18.07 8.52 -25.46
CA SER B 169 17.89 7.67 -26.64
C SER B 169 16.56 6.90 -26.64
N HIS B 170 15.58 7.43 -27.38
CA HIS B 170 14.30 6.74 -27.63
C HIS B 170 14.14 6.60 -29.15
N THR B 171 13.56 5.48 -29.60
CA THR B 171 13.26 5.22 -31.01
C THR B 171 11.74 5.21 -31.22
N ILE B 172 11.17 6.39 -31.53
CA ILE B 172 9.70 6.61 -31.54
C ILE B 172 8.96 6.22 -32.85
N SER B 173 7.63 6.35 -32.84
CA SER B 173 6.74 5.99 -33.98
C SER B 173 5.39 6.77 -33.99
N ASP B 174 4.69 6.72 -35.13
CA ASP B 174 3.48 7.56 -35.44
C ASP B 174 2.46 7.90 -34.33
N ARG B 175 2.10 9.20 -34.27
CA ARG B 175 0.98 9.70 -33.44
C ARG B 175 1.08 9.35 -31.97
N ARG B 176 1.87 10.13 -31.23
CA ARG B 176 2.20 9.74 -29.87
C ARG B 176 1.54 10.57 -28.78
N GLY B 177 1.45 9.97 -27.59
CA GLY B 177 1.10 10.66 -26.38
C GLY B 177 2.28 11.55 -26.03
N VAL B 178 2.17 12.82 -26.39
CA VAL B 178 3.19 13.80 -26.04
C VAL B 178 2.77 14.42 -24.70
N ASN B 179 3.73 14.73 -23.83
CA ASN B 179 3.39 15.09 -22.46
C ASN B 179 4.19 16.28 -21.92
N LEU B 180 3.46 17.35 -21.60
CA LEU B 180 4.04 18.63 -21.23
C LEU B 180 3.82 18.89 -19.73
N PRO B 181 4.74 18.38 -18.88
CA PRO B 181 4.60 18.20 -17.43
C PRO B 181 4.68 19.43 -16.51
N GLY B 182 5.48 20.44 -16.85
CA GLY B 182 5.52 21.69 -16.06
C GLY B 182 4.56 22.65 -16.73
N CYS B 183 3.83 22.09 -17.69
CA CYS B 183 3.00 22.86 -18.62
C CYS B 183 1.53 22.69 -18.31
N ASP B 184 0.90 23.83 -18.12
CA ASP B 184 -0.54 23.93 -18.03
C ASP B 184 -1.12 23.86 -19.45
N VAL B 185 -1.41 22.63 -19.88
CA VAL B 185 -2.07 22.28 -21.15
C VAL B 185 -3.45 22.94 -21.21
N ASP B 186 -3.72 23.68 -22.27
CA ASP B 186 -5.01 24.36 -22.34
C ASP B 186 -5.93 23.94 -23.50
N LEU B 187 -5.69 22.73 -24.02
CA LEU B 187 -6.65 22.01 -24.85
C LEU B 187 -8.02 22.18 -24.23
N PRO B 188 -9.09 22.17 -25.05
CA PRO B 188 -10.40 22.39 -24.42
C PRO B 188 -10.78 21.18 -23.55
N ALA B 189 -11.86 21.35 -22.79
CA ALA B 189 -12.38 20.31 -21.93
C ALA B 189 -12.68 19.00 -22.70
N VAL B 190 -13.44 19.13 -23.77
CA VAL B 190 -13.87 17.98 -24.51
C VAL B 190 -13.52 18.21 -25.99
N SER B 191 -13.12 17.14 -26.66
CA SER B 191 -12.96 17.14 -28.11
C SER B 191 -14.30 17.06 -28.84
N ALA B 192 -14.22 17.18 -30.16
CA ALA B 192 -15.40 16.96 -31.01
C ALA B 192 -15.90 15.51 -30.87
N LYS B 193 -14.98 14.53 -30.95
CA LYS B 193 -15.34 13.12 -30.67
C LYS B 193 -16.11 13.05 -29.35
N ASP B 194 -15.57 13.70 -28.29
CA ASP B 194 -16.21 13.64 -26.97
C ASP B 194 -17.62 14.17 -27.04
N ARG B 195 -17.81 15.35 -27.64
CA ARG B 195 -19.17 15.91 -27.73
C ARG B 195 -20.14 14.99 -28.46
N VAL B 196 -19.63 14.28 -29.48
CA VAL B 196 -20.45 13.35 -30.29
C VAL B 196 -20.67 12.11 -29.38
N ASP B 197 -19.59 11.63 -28.75
CA ASP B 197 -19.75 10.42 -27.91
C ASP B 197 -20.73 10.66 -26.73
N LEU B 198 -20.63 11.83 -26.11
CA LEU B 198 -21.50 12.18 -24.95
C LEU B 198 -22.94 12.25 -25.31
N GLN B 199 -23.23 12.85 -26.48
CA GLN B 199 -24.59 12.80 -26.97
C GLN B 199 -25.09 11.35 -27.20
N PHE B 200 -24.23 10.46 -27.69
CA PHE B 200 -24.61 9.09 -27.87
C PHE B 200 -24.94 8.49 -26.47
N GLY B 201 -24.10 8.84 -25.51
CA GLY B 201 -24.24 8.33 -24.13
C GLY B 201 -25.61 8.66 -23.60
N VAL B 202 -26.02 9.90 -23.79
CA VAL B 202 -27.31 10.37 -23.31
C VAL B 202 -28.42 9.63 -24.05
N GLU B 203 -28.33 9.59 -25.38
CA GLU B 203 -29.32 8.82 -26.14
C GLU B 203 -29.44 7.42 -25.60
N GLN B 204 -28.29 6.80 -25.24
CA GLN B 204 -28.33 5.41 -24.83
C GLN B 204 -28.57 5.17 -23.31
N GLY B 205 -28.73 6.29 -22.57
CA GLY B 205 -29.06 6.20 -21.12
C GLY B 205 -27.93 5.66 -20.23
N VAL B 206 -26.69 6.12 -20.45
CA VAL B 206 -25.57 5.70 -19.59
C VAL B 206 -25.78 6.35 -18.20
N ASP B 207 -25.22 5.77 -17.15
CA ASP B 207 -25.48 6.25 -15.80
C ASP B 207 -24.48 7.31 -15.41
N MET B 208 -23.31 7.27 -16.03
CA MET B 208 -22.27 8.17 -15.62
C MET B 208 -21.22 8.28 -16.69
N ILE B 209 -20.49 9.39 -16.63
CA ILE B 209 -19.39 9.68 -17.51
C ILE B 209 -18.15 9.70 -16.66
N PHE B 210 -17.06 9.07 -17.15
CA PHE B 210 -15.75 9.25 -16.58
C PHE B 210 -15.07 10.18 -17.58
N ALA B 211 -14.89 11.45 -17.18
CA ALA B 211 -14.50 12.48 -18.10
C ALA B 211 -13.00 12.63 -18.03
N SER B 212 -12.33 12.40 -19.17
CA SER B 212 -10.87 12.34 -19.21
C SER B 212 -10.25 13.67 -18.99
N PHE B 213 -9.10 13.67 -18.31
CA PHE B 213 -8.15 14.76 -18.33
C PHE B 213 -8.68 16.10 -17.79
N ILE B 214 -9.50 16.07 -16.75
CA ILE B 214 -10.03 17.28 -16.15
C ILE B 214 -8.92 17.96 -15.36
N ARG B 215 -8.76 19.25 -15.68
CA ARG B 215 -7.72 20.15 -15.22
C ARG B 215 -8.27 21.32 -14.43
N SER B 216 -9.54 21.68 -14.66
CA SER B 216 -10.12 22.82 -13.94
C SER B 216 -11.61 22.70 -13.77
N ALA B 217 -12.18 23.50 -12.90
CA ALA B 217 -13.59 23.38 -12.57
C ALA B 217 -14.49 23.75 -13.74
N GLU B 218 -14.12 24.84 -14.42
CA GLU B 218 -14.85 25.33 -15.58
C GLU B 218 -15.02 24.23 -16.62
N GLN B 219 -14.00 23.38 -16.76
CA GLN B 219 -14.07 22.24 -17.66
C GLN B 219 -15.16 21.27 -17.29
N VAL B 220 -15.50 21.15 -16.01
CA VAL B 220 -16.62 20.33 -15.65
C VAL B 220 -17.90 20.89 -16.27
N GLY B 221 -18.02 22.23 -16.34
CA GLY B 221 -19.24 22.84 -16.95
C GLY B 221 -19.37 22.43 -18.43
N ASP B 222 -18.24 22.46 -19.14
CA ASP B 222 -18.17 22.04 -20.54
C ASP B 222 -18.67 20.63 -20.72
N VAL B 223 -18.28 19.70 -19.83
CA VAL B 223 -18.86 18.35 -19.94
C VAL B 223 -20.34 18.38 -19.74
N ARG B 224 -20.78 19.08 -18.70
CA ARG B 224 -22.21 19.12 -18.41
C ARG B 224 -22.99 19.73 -19.61
N LYS B 225 -22.47 20.80 -20.22
CA LYS B 225 -23.20 21.41 -21.38
C LYS B 225 -23.22 20.42 -22.54
N ALA B 226 -22.12 19.72 -22.80
CA ALA B 226 -22.10 18.75 -23.89
C ALA B 226 -23.12 17.66 -23.62
N LEU B 227 -23.43 17.39 -22.34
CA LEU B 227 -24.42 16.35 -22.03
C LEU B 227 -25.80 16.86 -22.27
N GLY B 228 -25.96 18.18 -22.20
CA GLY B 228 -27.26 18.85 -22.46
C GLY B 228 -28.41 18.57 -21.50
N PRO B 229 -29.57 19.25 -21.70
CA PRO B 229 -30.79 19.13 -20.87
C PRO B 229 -31.23 17.72 -20.59
N LYS B 230 -31.07 16.83 -21.56
CA LYS B 230 -31.53 15.45 -21.39
C LYS B 230 -30.50 14.59 -20.61
N GLY B 231 -29.29 15.11 -20.45
CA GLY B 231 -28.26 14.42 -19.67
C GLY B 231 -28.06 14.92 -18.22
N ARG B 232 -29.05 15.64 -17.67
CA ARG B 232 -28.80 16.42 -16.43
C ARG B 232 -28.65 15.50 -15.20
N ASP B 233 -29.29 14.33 -15.24
CA ASP B 233 -29.18 13.30 -14.20
C ASP B 233 -27.99 12.32 -14.31
N ILE B 234 -27.11 12.51 -15.27
CA ILE B 234 -26.01 11.59 -15.47
C ILE B 234 -24.85 12.11 -14.62
N MET B 235 -24.19 11.23 -13.87
CA MET B 235 -23.07 11.69 -13.04
C MET B 235 -21.87 11.95 -13.84
N ILE B 236 -21.18 13.03 -13.49
CA ILE B 236 -19.89 13.29 -14.05
C ILE B 236 -18.75 13.01 -13.03
N ILE B 237 -17.91 12.02 -13.34
CA ILE B 237 -16.76 11.68 -12.57
C ILE B 237 -15.49 12.19 -13.25
N CYS B 238 -14.77 13.09 -12.61
CA CYS B 238 -13.68 13.71 -13.28
C CYS B 238 -12.43 12.88 -13.06
N LYS B 239 -11.73 12.57 -14.15
CA LYS B 239 -10.50 11.83 -14.10
C LYS B 239 -9.37 12.79 -13.89
N ILE B 240 -8.63 12.63 -12.80
CA ILE B 240 -7.54 13.49 -12.45
C ILE B 240 -6.31 12.81 -12.94
N GLU B 241 -5.60 13.48 -13.86
CA GLU B 241 -4.56 12.84 -14.63
C GLU B 241 -3.26 13.62 -14.70
N ASN B 242 -3.23 14.88 -14.25
CA ASN B 242 -2.00 15.60 -14.23
C ASN B 242 -1.92 16.56 -13.06
N HIS B 243 -0.77 17.25 -12.96
CA HIS B 243 -0.54 18.23 -11.89
C HIS B 243 -1.64 19.28 -11.76
N GLN B 244 -2.25 19.74 -12.88
CA GLN B 244 -3.27 20.81 -12.77
C GLN B 244 -4.54 20.35 -12.10
N GLY B 245 -4.98 19.14 -12.45
CA GLY B 245 -6.17 18.55 -11.80
C GLY B 245 -5.89 18.38 -10.31
N VAL B 246 -4.67 18.02 -9.95
CA VAL B 246 -4.32 17.86 -8.51
C VAL B 246 -4.30 19.26 -7.83
N GLN B 247 -3.64 20.27 -8.46
CA GLN B 247 -3.64 21.66 -7.94
C GLN B 247 -5.04 22.17 -7.79
N ASN B 248 -5.88 21.93 -8.79
CA ASN B 248 -7.21 22.49 -8.76
C ASN B 248 -8.20 21.61 -8.07
N ILE B 249 -7.72 20.58 -7.37
CA ILE B 249 -8.67 19.54 -6.89
C ILE B 249 -9.91 20.03 -6.14
N ASP B 250 -9.81 21.07 -5.30
CA ASP B 250 -10.99 21.46 -4.47
C ASP B 250 -12.16 21.95 -5.30
N SER B 251 -11.86 22.83 -6.25
CA SER B 251 -12.95 23.41 -7.05
C SER B 251 -13.46 22.34 -8.03
N ILE B 252 -12.57 21.48 -8.53
CA ILE B 252 -13.06 20.35 -9.37
C ILE B 252 -14.04 19.46 -8.62
N ILE B 253 -13.67 19.03 -7.41
CA ILE B 253 -14.63 18.22 -6.64
C ILE B 253 -15.94 18.93 -6.44
N GLU B 254 -15.88 20.20 -6.07
CA GLU B 254 -17.13 20.93 -5.80
C GLU B 254 -18.12 20.87 -6.98
N GLU B 255 -17.60 21.03 -8.21
CA GLU B 255 -18.42 21.01 -9.46
C GLU B 255 -18.78 19.61 -9.95
N SER B 256 -18.01 18.61 -9.56
CA SER B 256 -18.24 17.28 -10.10
C SER B 256 -19.13 16.43 -9.17
N ASP B 257 -19.48 15.23 -9.63
CA ASP B 257 -20.22 14.28 -8.85
C ASP B 257 -19.25 13.20 -8.24
N GLY B 258 -17.95 13.28 -8.49
CA GLY B 258 -16.97 12.32 -8.02
C GLY B 258 -15.67 12.40 -8.79
N ILE B 259 -14.69 11.59 -8.40
CA ILE B 259 -13.33 11.69 -8.88
C ILE B 259 -12.79 10.28 -9.17
N MET B 260 -12.00 10.17 -10.24
CA MET B 260 -11.18 9.03 -10.43
C MET B 260 -9.75 9.43 -10.33
N VAL B 261 -9.00 8.73 -9.46
CA VAL B 261 -7.57 8.97 -9.36
C VAL B 261 -6.86 8.04 -10.36
N ALA B 262 -6.32 8.62 -11.45
CA ALA B 262 -5.70 7.83 -12.56
C ALA B 262 -4.21 7.77 -12.28
N ARG B 263 -3.81 6.90 -11.37
CA ARG B 263 -2.43 6.83 -10.96
C ARG B 263 -1.39 6.79 -12.13
N GLY B 264 -1.60 5.94 -13.14
CA GLY B 264 -0.67 5.75 -14.26
C GLY B 264 -0.40 7.08 -14.98
N ASP B 265 -1.45 7.85 -15.19
CA ASP B 265 -1.39 9.06 -15.95
C ASP B 265 -0.73 10.17 -15.11
N LEU B 266 -1.16 10.31 -13.85
CA LEU B 266 -0.49 11.18 -12.90
C LEU B 266 0.99 10.88 -12.95
N GLY B 267 1.34 9.59 -12.94
CA GLY B 267 2.71 9.16 -12.88
C GLY B 267 3.59 9.54 -14.09
N VAL B 268 2.99 10.03 -15.18
CA VAL B 268 3.82 10.36 -16.34
C VAL B 268 4.68 11.58 -15.97
N GLU B 269 4.09 12.52 -15.25
CA GLU B 269 4.83 13.75 -14.89
C GLU B 269 5.09 13.98 -13.42
N ILE B 270 4.51 13.16 -12.53
CA ILE B 270 4.71 13.25 -11.06
C ILE B 270 5.42 11.98 -10.62
N PRO B 271 6.51 12.11 -9.86
CA PRO B 271 7.20 10.93 -9.34
C PRO B 271 6.21 9.99 -8.62
N ALA B 272 6.44 8.69 -8.76
CA ALA B 272 5.48 7.70 -8.27
C ALA B 272 5.16 7.86 -6.74
N GLU B 273 6.16 8.17 -5.93
CA GLU B 273 5.93 8.32 -4.47
C GLU B 273 5.03 9.52 -4.17
N LYS B 274 5.11 10.57 -4.99
CA LYS B 274 4.15 11.68 -4.87
C LYS B 274 2.76 11.34 -5.36
N VAL B 275 2.65 10.51 -6.40
CA VAL B 275 1.30 10.02 -6.77
C VAL B 275 0.62 9.20 -5.64
N VAL B 276 1.37 8.38 -4.91
CA VAL B 276 0.83 7.64 -3.73
C VAL B 276 0.20 8.61 -2.70
N VAL B 277 0.88 9.72 -2.47
CA VAL B 277 0.34 10.73 -1.56
C VAL B 277 -0.82 11.50 -2.19
N ALA B 278 -0.70 11.86 -3.47
CA ALA B 278 -1.82 12.52 -4.13
C ALA B 278 -3.09 11.65 -4.04
N GLN B 279 -2.90 10.34 -4.14
CA GLN B 279 -4.02 9.42 -4.01
C GLN B 279 -4.67 9.58 -2.61
N LYS B 280 -3.85 9.62 -1.56
CA LYS B 280 -4.36 9.80 -0.19
C LYS B 280 -5.12 11.09 -0.08
N ILE B 281 -4.58 12.18 -0.65
CA ILE B 281 -5.25 13.48 -0.52
C ILE B 281 -6.61 13.49 -1.23
N LEU B 282 -6.62 13.01 -2.46
CA LEU B 282 -7.82 13.09 -3.23
C LEU B 282 -8.88 12.22 -2.65
N ILE B 283 -8.49 11.03 -2.17
CA ILE B 283 -9.54 10.14 -1.61
C ILE B 283 -10.17 10.82 -0.37
N SER B 284 -9.32 11.30 0.54
CA SER B 284 -9.83 11.97 1.75
C SER B 284 -10.69 13.21 1.42
N LYS B 285 -10.25 14.05 0.49
CA LYS B 285 -11.09 15.19 0.11
C LYS B 285 -12.45 14.72 -0.42
N CYS B 286 -12.50 13.66 -1.24
CA CYS B 286 -13.84 13.17 -1.62
C CYS B 286 -14.60 12.53 -0.51
N ASN B 287 -13.94 11.79 0.40
CA ASN B 287 -14.68 11.22 1.55
C ASN B 287 -15.36 12.44 2.29
N VAL B 288 -14.62 13.51 2.49
CA VAL B 288 -15.20 14.68 3.22
C VAL B 288 -16.32 15.34 2.38
N ALA B 289 -16.10 15.49 1.08
CA ALA B 289 -17.14 16.02 0.16
C ALA B 289 -18.37 15.12 0.10
N GLY B 290 -18.27 13.88 0.55
CA GLY B 290 -19.39 12.95 0.33
C GLY B 290 -19.64 12.58 -1.14
N LYS B 291 -18.58 12.47 -1.93
CA LYS B 291 -18.69 12.12 -3.36
C LYS B 291 -17.85 10.89 -3.66
N PRO B 292 -18.33 10.01 -4.57
CA PRO B 292 -17.61 8.78 -4.78
C PRO B 292 -16.20 9.03 -5.34
N VAL B 293 -15.28 8.19 -4.96
CA VAL B 293 -13.90 8.34 -5.44
C VAL B 293 -13.39 6.93 -5.84
N ILE B 294 -12.76 6.88 -7.01
CA ILE B 294 -12.35 5.64 -7.65
C ILE B 294 -10.86 5.56 -7.73
N CYS B 295 -10.31 4.45 -7.29
CA CYS B 295 -8.93 4.22 -7.49
C CYS B 295 -8.71 3.34 -8.79
N ALA B 296 -8.02 3.93 -9.77
CA ALA B 296 -7.91 3.34 -11.13
C ALA B 296 -6.49 3.27 -11.70
N THR B 297 -6.32 2.34 -12.65
CA THR B 297 -5.09 2.07 -13.43
C THR B 297 -4.08 1.34 -12.57
N GLN B 298 -3.33 0.44 -13.22
CA GLN B 298 -2.24 -0.31 -12.57
C GLN B 298 -2.79 -0.97 -11.27
N MET B 299 -3.93 -1.67 -11.35
CA MET B 299 -4.50 -2.18 -10.09
C MET B 299 -4.03 -3.60 -9.80
N LEU B 300 -4.37 -4.54 -10.67
CA LEU B 300 -3.85 -5.90 -10.57
C LEU B 300 -3.27 -6.29 -12.01
N GLU B 301 -2.51 -5.37 -12.56
CA GLU B 301 -2.13 -5.40 -13.99
C GLU B 301 -1.50 -6.72 -14.45
N SER B 302 -0.65 -7.31 -13.60
CA SER B 302 0.11 -8.50 -13.96
C SER B 302 -0.81 -9.70 -14.10
N MET B 303 -2.00 -9.54 -13.55
CA MET B 303 -3.02 -10.60 -13.66
C MET B 303 -3.72 -10.54 -15.04
N THR B 304 -3.28 -9.65 -15.90
CA THR B 304 -3.84 -9.60 -17.27
C THR B 304 -3.48 -10.95 -17.98
N TYR B 305 -2.24 -11.41 -17.74
CA TYR B 305 -1.74 -12.60 -18.41
C TYR B 305 -1.26 -13.62 -17.43
N ASN B 306 -1.06 -13.28 -16.15
CA ASN B 306 -0.74 -14.35 -15.20
C ASN B 306 -1.88 -14.72 -14.30
N PRO B 307 -1.92 -16.00 -13.87
CA PRO B 307 -3.02 -16.49 -13.04
C PRO B 307 -3.10 -15.87 -11.63
N ARG B 308 -2.04 -15.21 -11.17
CA ARG B 308 -1.96 -14.56 -9.84
C ARG B 308 -1.26 -13.20 -9.95
N PRO B 309 -1.54 -12.23 -9.05
CA PRO B 309 -0.84 -10.94 -9.15
C PRO B 309 0.41 -10.94 -8.28
N THR B 310 1.19 -9.87 -8.30
CA THR B 310 2.32 -9.82 -7.38
C THR B 310 1.80 -9.41 -6.00
N ARG B 311 2.62 -9.67 -4.99
CA ARG B 311 2.29 -9.34 -3.65
C ARG B 311 2.14 -7.81 -3.48
N ALA B 312 2.94 -7.04 -4.20
CA ALA B 312 2.87 -5.57 -4.08
C ALA B 312 1.57 -5.08 -4.74
N GLU B 313 1.15 -5.76 -5.80
CA GLU B 313 -0.19 -5.43 -6.34
C GLU B 313 -1.29 -5.64 -5.34
N VAL B 314 -1.23 -6.73 -4.60
CA VAL B 314 -2.31 -6.99 -3.62
C VAL B 314 -2.36 -5.84 -2.58
N SER B 315 -1.18 -5.45 -2.09
CA SER B 315 -1.12 -4.44 -1.04
C SER B 315 -1.62 -3.11 -1.58
N ASP B 316 -1.37 -2.85 -2.85
CA ASP B 316 -1.85 -1.64 -3.53
C ASP B 316 -3.40 -1.59 -3.44
N VAL B 317 -4.06 -2.69 -3.80
CA VAL B 317 -5.51 -2.74 -3.76
C VAL B 317 -5.98 -2.59 -2.28
N ALA B 318 -5.44 -3.35 -1.35
CA ALA B 318 -5.89 -3.22 0.01
C ALA B 318 -5.71 -1.75 0.56
N ASN B 319 -4.60 -1.11 0.21
CA ASN B 319 -4.34 0.21 0.70
C ASN B 319 -5.24 1.26 0.07
N ALA B 320 -5.72 0.99 -1.14
CA ALA B 320 -6.71 1.81 -1.77
C ALA B 320 -7.96 1.87 -0.87
N VAL B 321 -8.38 0.70 -0.42
CA VAL B 321 -9.50 0.55 0.52
C VAL B 321 -9.15 1.23 1.85
N PHE B 322 -7.94 1.01 2.40
CA PHE B 322 -7.63 1.67 3.69
C PHE B 322 -7.63 3.20 3.54
N ASN B 323 -7.20 3.69 2.36
CA ASN B 323 -7.18 5.15 2.09
C ASN B 323 -8.61 5.70 2.11
N GLY B 324 -9.59 4.85 1.84
CA GLY B 324 -10.94 5.30 1.84
C GLY B 324 -11.65 5.26 0.46
N ALA B 325 -11.06 4.59 -0.54
CA ALA B 325 -11.71 4.59 -1.87
C ALA B 325 -13.09 4.00 -1.80
N ASP B 326 -14.05 4.54 -2.56
CA ASP B 326 -15.33 3.81 -2.72
C ASP B 326 -15.22 2.57 -3.66
N CYS B 327 -14.37 2.72 -4.69
CA CYS B 327 -14.31 1.84 -5.87
C CYS B 327 -12.85 1.59 -6.25
N VAL B 328 -12.58 0.38 -6.67
CA VAL B 328 -11.34 -0.01 -7.33
C VAL B 328 -11.68 -0.43 -8.80
N MET B 329 -10.78 -0.15 -9.73
CA MET B 329 -11.16 -0.33 -11.12
C MET B 329 -10.13 -1.23 -11.82
N LEU B 330 -10.64 -2.12 -12.66
CA LEU B 330 -9.86 -2.99 -13.57
C LEU B 330 -9.97 -2.44 -14.97
N SER B 331 -8.82 -2.43 -15.68
CA SER B 331 -8.71 -1.93 -17.04
C SER B 331 -8.48 -3.15 -17.98
N GLY B 332 -7.24 -3.32 -18.45
CA GLY B 332 -6.88 -4.44 -19.39
C GLY B 332 -7.16 -5.79 -18.74
N GLU B 333 -7.09 -5.85 -17.40
CA GLU B 333 -7.27 -7.13 -16.70
C GLU B 333 -8.60 -7.77 -17.03
N THR B 334 -9.63 -6.96 -17.29
CA THR B 334 -10.87 -7.55 -17.71
C THR B 334 -11.20 -7.28 -19.20
N ALA B 335 -10.63 -6.24 -19.78
CA ALA B 335 -10.98 -5.84 -21.17
C ALA B 335 -10.41 -6.85 -22.19
N LYS B 336 -9.15 -7.23 -22.01
CA LYS B 336 -8.51 -8.20 -22.88
C LYS B 336 -7.70 -9.26 -22.12
N GLY B 337 -7.91 -9.46 -20.84
CA GLY B 337 -7.06 -10.38 -20.14
C GLY B 337 -7.53 -11.81 -20.23
N LYS B 338 -6.71 -12.71 -19.71
CA LYS B 338 -6.94 -14.14 -19.81
C LYS B 338 -7.73 -14.65 -18.62
N TYR B 339 -7.76 -13.90 -17.52
CA TYR B 339 -8.41 -14.40 -16.32
C TYR B 339 -9.45 -13.39 -15.79
N PRO B 340 -10.38 -12.99 -16.65
CA PRO B 340 -11.25 -11.92 -16.15
C PRO B 340 -12.07 -12.27 -14.88
N ASN B 341 -12.56 -13.51 -14.79
CA ASN B 341 -13.36 -13.87 -13.62
C ASN B 341 -12.49 -13.89 -12.40
N GLU B 342 -11.31 -14.46 -12.53
CA GLU B 342 -10.47 -14.68 -11.38
C GLU B 342 -9.92 -13.35 -10.84
N VAL B 343 -9.57 -12.40 -11.70
CA VAL B 343 -9.07 -11.11 -11.26
C VAL B 343 -10.17 -10.31 -10.50
N VAL B 344 -11.42 -10.33 -10.98
CA VAL B 344 -12.49 -9.71 -10.26
C VAL B 344 -12.72 -10.39 -8.88
N GLN B 345 -12.74 -11.74 -8.82
CA GLN B 345 -12.97 -12.46 -7.58
C GLN B 345 -11.82 -12.19 -6.62
N TYR B 346 -10.61 -12.09 -7.14
CA TYR B 346 -9.52 -11.84 -6.26
C TYR B 346 -9.56 -10.38 -5.70
N MET B 347 -9.81 -9.41 -6.57
CA MET B 347 -10.12 -8.04 -6.15
C MET B 347 -11.18 -7.98 -5.04
N ALA B 348 -12.29 -8.70 -5.23
CA ALA B 348 -13.37 -8.72 -4.23
C ALA B 348 -12.83 -9.28 -2.91
N ARG B 349 -12.00 -10.30 -3.00
CA ARG B 349 -11.50 -10.92 -1.75
C ARG B 349 -10.46 -9.98 -1.00
N ILE B 350 -9.64 -9.27 -1.76
CA ILE B 350 -8.69 -8.37 -1.13
C ILE B 350 -9.46 -7.26 -0.43
N CYS B 351 -10.48 -6.74 -1.13
CA CYS B 351 -11.33 -5.66 -0.61
C CYS B 351 -12.01 -6.05 0.71
N LEU B 352 -12.64 -7.23 0.71
CA LEU B 352 -13.27 -7.75 1.89
C LEU B 352 -12.30 -8.01 3.07
N GLU B 353 -11.11 -8.59 2.78
CA GLU B 353 -10.07 -8.69 3.77
C GLU B 353 -9.71 -7.32 4.36
N ALA B 354 -9.49 -6.34 3.50
CA ALA B 354 -9.03 -5.03 3.99
C ALA B 354 -10.13 -4.40 4.85
N GLN B 355 -11.35 -4.54 4.42
CA GLN B 355 -12.45 -3.95 5.11
C GLN B 355 -12.58 -4.50 6.54
N SER B 356 -12.30 -5.78 6.68
CA SER B 356 -12.40 -6.41 7.97
C SER B 356 -11.34 -5.87 8.91
N ALA B 357 -10.32 -5.23 8.39
CA ALA B 357 -9.28 -4.61 9.21
C ALA B 357 -9.49 -3.13 9.41
N LEU B 358 -10.32 -2.55 8.57
CA LEU B 358 -10.49 -1.08 8.57
C LEU B 358 -11.48 -0.69 9.68
N ASN B 359 -11.09 0.30 10.46
CA ASN B 359 -11.92 0.77 11.54
C ASN B 359 -12.82 1.89 10.97
N GLU B 360 -14.09 1.57 10.69
CA GLU B 360 -14.99 2.59 10.07
C GLU B 360 -15.18 3.78 11.01
N TYR B 361 -15.11 3.52 12.31
CA TYR B 361 -15.38 4.56 13.26
C TYR B 361 -14.45 5.75 13.13
N VAL B 362 -13.19 5.55 12.73
CA VAL B 362 -12.22 6.61 12.60
C VAL B 362 -12.71 7.52 11.48
N PHE B 363 -13.21 6.89 10.41
CA PHE B 363 -13.80 7.66 9.31
C PHE B 363 -14.97 8.49 9.84
N PHE B 364 -15.95 7.83 10.46
CA PHE B 364 -17.15 8.51 11.00
C PHE B 364 -16.79 9.73 11.86
N ASN B 365 -15.89 9.49 12.80
CA ASN B 365 -15.45 10.51 13.72
C ASN B 365 -14.67 11.67 13.12
N SER B 366 -13.70 11.34 12.25
CA SER B 366 -12.91 12.36 11.57
C SER B 366 -13.78 13.26 10.74
N ILE B 367 -14.72 12.67 9.99
CA ILE B 367 -15.64 13.43 9.18
C ILE B 367 -16.63 14.28 10.01
N LYS B 368 -17.30 13.67 10.99
CA LYS B 368 -18.18 14.39 11.90
C LYS B 368 -17.47 15.62 12.49
N LYS B 369 -16.25 15.46 13.00
CA LYS B 369 -15.49 16.60 13.59
C LYS B 369 -15.21 17.76 12.67
N LEU B 370 -15.26 17.51 11.37
CA LEU B 370 -14.98 18.56 10.41
C LEU B 370 -16.25 19.34 10.06
N GLN B 371 -17.40 18.88 10.55
CA GLN B 371 -18.65 19.56 10.24
C GLN B 371 -18.75 20.94 10.93
N HIS B 372 -19.15 21.92 10.14
CA HIS B 372 -19.39 23.24 10.68
C HIS B 372 -20.68 23.27 11.57
N ILE B 373 -20.59 23.79 12.80
CA ILE B 373 -21.76 24.05 13.61
C ILE B 373 -22.21 25.54 13.52
N PRO B 374 -23.49 25.81 13.15
CA PRO B 374 -24.57 24.81 13.07
C PRO B 374 -24.54 23.95 11.80
N MET B 375 -25.04 22.71 11.88
CA MET B 375 -25.24 21.83 10.71
C MET B 375 -26.61 22.04 10.11
N SER B 376 -26.77 21.76 8.81
CA SER B 376 -28.15 21.74 8.27
C SER B 376 -28.83 20.46 8.72
N ALA B 377 -30.17 20.40 8.59
CA ALA B 377 -30.96 19.30 9.04
C ALA B 377 -30.53 17.94 8.40
N ASP B 378 -30.28 17.93 7.08
CA ASP B 378 -29.88 16.69 6.40
C ASP B 378 -28.55 16.10 6.96
N GLU B 379 -27.55 16.95 7.10
CA GLU B 379 -26.27 16.58 7.63
C GLU B 379 -26.41 16.05 9.07
N ALA B 380 -27.21 16.77 9.86
CA ALA B 380 -27.39 16.40 11.27
C ALA B 380 -28.14 15.08 11.37
N VAL B 381 -29.16 14.89 10.52
CA VAL B 381 -29.94 13.65 10.58
C VAL B 381 -29.10 12.41 10.16
N CYS B 382 -28.32 12.52 9.09
CA CYS B 382 -27.49 11.43 8.58
C CYS B 382 -26.30 11.10 9.51
N SER B 383 -25.53 12.09 9.97
CA SER B 383 -24.53 11.79 10.98
C SER B 383 -25.12 11.14 12.25
N SER B 384 -26.30 11.59 12.69
CA SER B 384 -26.90 11.12 13.92
C SER B 384 -27.35 9.70 13.75
N ALA B 385 -27.90 9.38 12.58
CA ALA B 385 -28.35 8.02 12.30
C ALA B 385 -27.14 7.04 12.31
N VAL B 386 -26.05 7.44 11.70
CA VAL B 386 -24.81 6.59 11.72
C VAL B 386 -24.26 6.51 13.19
N ASN B 387 -24.25 7.64 13.91
CA ASN B 387 -23.94 7.63 15.33
C ASN B 387 -24.79 6.62 16.16
N SER B 388 -26.11 6.64 15.94
CA SER B 388 -27.04 5.66 16.56
C SER B 388 -26.71 4.19 16.20
N VAL B 389 -26.21 3.94 14.99
CA VAL B 389 -25.79 2.60 14.63
C VAL B 389 -24.71 2.18 15.60
N TYR B 390 -23.70 3.02 15.77
CA TYR B 390 -22.61 2.68 16.69
C TYR B 390 -23.05 2.56 18.16
N GLU B 391 -23.92 3.45 18.59
CA GLU B 391 -24.42 3.42 19.97
C GLU B 391 -25.28 2.23 20.27
N THR B 392 -26.08 1.78 19.31
CA THR B 392 -26.94 0.65 19.61
C THR B 392 -26.38 -0.63 18.99
N LYS B 393 -25.20 -0.55 18.39
CA LYS B 393 -24.66 -1.69 17.54
C LYS B 393 -25.76 -2.26 16.65
N ALA B 394 -26.41 -1.36 15.92
CA ALA B 394 -27.39 -1.76 14.91
C ALA B 394 -26.68 -2.61 13.85
N LYS B 395 -27.42 -3.51 13.19
CA LYS B 395 -26.82 -4.40 12.14
C LYS B 395 -27.15 -4.04 10.70
N ALA B 396 -28.06 -3.10 10.50
CA ALA B 396 -28.31 -2.54 9.16
C ALA B 396 -28.87 -1.13 9.24
N MET B 397 -28.74 -0.40 8.12
CA MET B 397 -29.46 0.83 7.93
C MET B 397 -30.38 0.63 6.75
N VAL B 398 -31.56 1.27 6.78
CA VAL B 398 -32.41 1.34 5.64
C VAL B 398 -32.58 2.82 5.36
N VAL B 399 -32.24 3.23 4.15
CA VAL B 399 -32.36 4.65 3.74
C VAL B 399 -33.31 4.73 2.55
N LEU B 400 -34.34 5.58 2.65
CA LEU B 400 -35.29 5.83 1.56
C LEU B 400 -34.81 7.03 0.81
N SER B 401 -34.53 6.84 -0.47
CA SER B 401 -33.83 7.88 -1.18
C SER B 401 -34.18 7.71 -2.65
N ASN B 402 -34.82 8.70 -3.21
CA ASN B 402 -35.22 8.55 -4.58
C ASN B 402 -34.11 8.83 -5.59
N THR B 403 -33.39 9.92 -5.38
CA THR B 403 -32.33 10.34 -6.25
C THR B 403 -30.98 9.72 -5.83
N GLY B 404 -30.93 9.06 -4.66
CA GLY B 404 -29.67 8.57 -4.12
C GLY B 404 -28.89 9.56 -3.25
N ARG B 405 -29.30 10.81 -3.23
CA ARG B 405 -28.58 11.82 -2.47
C ARG B 405 -28.37 11.45 -0.99
N SER B 406 -29.42 11.03 -0.34
CA SER B 406 -29.30 10.78 1.09
C SER B 406 -28.59 9.46 1.37
N ALA B 407 -28.80 8.45 0.50
CA ALA B 407 -27.94 7.23 0.55
C ALA B 407 -26.48 7.62 0.52
N ARG B 408 -26.08 8.54 -0.35
CA ARG B 408 -24.68 8.89 -0.39
C ARG B 408 -24.27 9.69 0.85
N LEU B 409 -25.23 10.42 1.40
CA LEU B 409 -24.91 11.28 2.56
C LEU B 409 -24.70 10.39 3.82
N VAL B 410 -25.51 9.36 3.96
CA VAL B 410 -25.30 8.32 4.99
C VAL B 410 -24.02 7.54 4.82
N ALA B 411 -23.72 7.13 3.57
CA ALA B 411 -22.51 6.34 3.31
C ALA B 411 -21.31 7.15 3.66
N LYS B 412 -21.36 8.44 3.39
CA LYS B 412 -20.24 9.33 3.75
C LYS B 412 -19.75 9.16 5.18
N TYR B 413 -20.70 8.91 6.10
CA TYR B 413 -20.33 8.84 7.53
C TYR B 413 -19.87 7.44 7.94
N ARG B 414 -19.89 6.49 7.01
CA ARG B 414 -19.25 5.19 7.28
C ARG B 414 -19.74 4.44 8.54
N PRO B 415 -21.03 4.08 8.56
CA PRO B 415 -21.47 3.10 9.54
C PRO B 415 -20.72 1.73 9.38
N ASN B 416 -20.66 0.97 10.45
CA ASN B 416 -19.97 -0.31 10.37
C ASN B 416 -21.02 -1.41 10.16
N CYS B 417 -22.08 -1.12 9.38
CA CYS B 417 -23.03 -2.14 8.98
C CYS B 417 -23.44 -1.75 7.55
N PRO B 418 -24.07 -2.68 6.82
CA PRO B 418 -24.58 -2.44 5.48
C PRO B 418 -25.65 -1.37 5.48
N ILE B 419 -25.67 -0.61 4.39
CA ILE B 419 -26.75 0.33 4.11
C ILE B 419 -27.60 -0.23 2.98
N VAL B 420 -28.91 -0.27 3.23
CA VAL B 420 -29.89 -0.69 2.22
C VAL B 420 -30.65 0.54 1.78
N CYS B 421 -30.40 1.00 0.56
CA CYS B 421 -31.21 2.03 0.01
C CYS B 421 -32.47 1.45 -0.68
N VAL B 422 -33.63 1.99 -0.34
CA VAL B 422 -34.87 1.65 -1.00
C VAL B 422 -35.22 2.84 -1.87
N THR B 423 -35.33 2.57 -3.16
CA THR B 423 -35.48 3.66 -4.11
C THR B 423 -36.52 3.31 -5.13
N THR B 424 -37.19 4.34 -5.65
CA THR B 424 -38.23 4.17 -6.68
C THR B 424 -37.68 4.32 -8.14
N ARG B 425 -36.39 4.55 -8.30
CA ARG B 425 -35.82 4.79 -9.61
C ARG B 425 -34.71 3.78 -9.84
N LEU B 426 -34.82 3.03 -10.94
CA LEU B 426 -33.82 2.03 -11.27
C LEU B 426 -32.49 2.72 -11.57
N GLN B 427 -32.51 3.95 -12.08
CA GLN B 427 -31.24 4.61 -12.30
C GLN B 427 -30.45 5.01 -11.04
N THR B 428 -31.17 5.23 -9.94
CA THR B 428 -30.54 5.44 -8.59
C THR B 428 -29.90 4.09 -8.15
N CYS B 429 -30.61 3.00 -8.28
CA CYS B 429 -30.00 1.67 -8.04
C CYS B 429 -28.67 1.46 -8.75
N ARG B 430 -28.58 1.90 -10.00
CA ARG B 430 -27.31 1.73 -10.81
C ARG B 430 -26.31 2.77 -10.36
N GLN B 431 -26.74 4.00 -10.18
CA GLN B 431 -25.75 5.04 -9.86
C GLN B 431 -25.10 4.81 -8.46
N LEU B 432 -25.84 4.20 -7.55
CA LEU B 432 -25.28 3.99 -6.18
C LEU B 432 -24.19 2.90 -6.18
N ASN B 433 -24.02 2.22 -7.31
CA ASN B 433 -22.95 1.19 -7.47
C ASN B 433 -21.55 1.76 -7.36
N ILE B 434 -21.42 3.08 -7.47
CA ILE B 434 -20.16 3.70 -7.18
C ILE B 434 -19.97 4.25 -5.74
N THR B 435 -20.92 3.94 -4.84
CA THR B 435 -20.85 4.36 -3.45
C THR B 435 -20.61 3.17 -2.52
N GLN B 436 -19.51 3.17 -1.80
CA GLN B 436 -19.23 2.03 -0.95
C GLN B 436 -20.33 1.82 0.06
N GLY B 437 -20.65 0.55 0.34
CA GLY B 437 -21.37 0.13 1.56
C GLY B 437 -22.89 0.22 1.43
N VAL B 438 -23.36 0.52 0.20
CA VAL B 438 -24.80 0.58 -0.10
C VAL B 438 -25.26 -0.54 -1.03
N GLU B 439 -26.32 -1.24 -0.70
CA GLU B 439 -27.05 -2.04 -1.69
C GLU B 439 -28.46 -1.45 -1.93
N SER B 440 -28.92 -1.40 -3.18
CA SER B 440 -30.21 -0.74 -3.50
C SER B 440 -31.28 -1.76 -3.83
N VAL B 441 -32.50 -1.48 -3.38
CA VAL B 441 -33.68 -2.33 -3.56
C VAL B 441 -34.61 -1.46 -4.33
N PHE B 442 -35.10 -1.96 -5.46
CA PHE B 442 -35.92 -1.13 -6.32
C PHE B 442 -37.37 -1.36 -5.84
N PHE B 443 -38.08 -0.26 -5.63
CA PHE B 443 -39.47 -0.39 -5.18
C PHE B 443 -40.33 0.17 -6.32
N ASP B 444 -41.07 -0.71 -6.98
CA ASP B 444 -41.81 -0.32 -8.20
C ASP B 444 -43.11 0.42 -7.87
N ALA B 445 -43.06 1.75 -7.81
CA ALA B 445 -44.20 2.59 -7.44
C ALA B 445 -45.41 2.55 -8.44
N ASP B 446 -45.16 2.47 -9.75
CA ASP B 446 -46.22 2.16 -10.74
C ASP B 446 -46.98 0.88 -10.40
N LYS B 447 -46.23 -0.17 -10.07
CA LYS B 447 -46.78 -1.48 -9.86
C LYS B 447 -47.16 -1.73 -8.40
N LEU B 448 -46.73 -0.86 -7.48
CA LEU B 448 -46.96 -1.17 -6.06
C LEU B 448 -47.62 -0.05 -5.29
N GLY B 449 -47.79 1.10 -5.94
CA GLY B 449 -48.34 2.28 -5.28
C GLY B 449 -47.30 3.32 -4.85
N HIS B 450 -47.79 4.43 -4.32
CA HIS B 450 -46.94 5.54 -3.92
C HIS B 450 -46.37 5.41 -2.51
N ASP B 451 -46.85 4.43 -1.74
CA ASP B 451 -46.40 4.18 -0.36
C ASP B 451 -46.22 5.49 0.43
N GLU B 452 -47.26 6.33 0.50
CA GLU B 452 -47.14 7.63 1.19
C GLU B 452 -46.74 7.46 2.67
N GLY B 453 -47.13 6.35 3.28
CA GLY B 453 -46.79 6.05 4.64
C GLY B 453 -45.37 5.52 4.84
N LYS B 454 -44.66 5.14 3.75
CA LYS B 454 -43.26 4.67 3.78
C LYS B 454 -43.14 3.26 4.25
N GLU B 455 -44.24 2.74 4.77
CA GLU B 455 -44.18 1.47 5.46
C GLU B 455 -43.83 0.33 4.51
N HIS B 456 -44.36 0.32 3.28
CA HIS B 456 -43.96 -0.75 2.34
C HIS B 456 -42.48 -0.70 1.94
N ARG B 457 -41.98 0.49 1.65
CA ARG B 457 -40.54 0.66 1.37
C ARG B 457 -39.65 0.30 2.54
N VAL B 458 -40.04 0.74 3.73
CA VAL B 458 -39.31 0.37 4.92
C VAL B 458 -39.32 -1.12 5.04
N ALA B 459 -40.46 -1.78 4.94
CA ALA B 459 -40.43 -3.26 5.07
C ALA B 459 -39.61 -3.95 3.95
N ALA B 460 -39.70 -3.45 2.72
CA ALA B 460 -38.87 -4.01 1.61
C ALA B 460 -37.34 -3.94 1.99
N GLY B 461 -36.96 -2.82 2.59
CA GLY B 461 -35.58 -2.60 3.04
C GLY B 461 -35.22 -3.64 4.06
N VAL B 462 -36.10 -3.77 5.04
CA VAL B 462 -35.84 -4.67 6.16
C VAL B 462 -35.78 -6.10 5.69
N GLU B 463 -36.70 -6.50 4.83
CA GLU B 463 -36.74 -7.87 4.27
C GLU B 463 -35.47 -8.20 3.50
N PHE B 464 -35.03 -7.31 2.63
CA PHE B 464 -33.75 -7.49 1.92
C PHE B 464 -32.62 -7.77 2.93
N ALA B 465 -32.49 -6.92 3.96
CA ALA B 465 -31.47 -7.08 4.99
C ALA B 465 -31.58 -8.45 5.66
N LYS B 466 -32.83 -8.89 5.86
CA LYS B 466 -33.12 -10.25 6.38
C LYS B 466 -32.69 -11.35 5.43
N SER B 467 -33.01 -11.22 4.16
CA SER B 467 -32.60 -12.24 3.21
C SER B 467 -31.07 -12.39 3.06
N LYS B 468 -30.31 -11.31 3.28
CA LYS B 468 -28.84 -11.37 3.22
C LYS B 468 -28.19 -11.81 4.52
N GLY B 469 -28.99 -12.08 5.55
CA GLY B 469 -28.46 -12.42 6.90
C GLY B 469 -27.82 -11.25 7.67
N TYR B 470 -28.08 -10.01 7.27
CA TYR B 470 -27.53 -8.85 7.99
C TYR B 470 -28.21 -8.73 9.38
N VAL B 471 -29.51 -8.92 9.42
CA VAL B 471 -30.27 -8.76 10.63
C VAL B 471 -31.23 -9.94 10.77
N GLN B 472 -31.50 -10.31 12.03
CA GLN B 472 -32.49 -11.29 12.32
C GLN B 472 -33.32 -10.73 13.50
N THR B 473 -34.42 -11.38 13.82
CA THR B 473 -35.23 -11.12 15.04
C THR B 473 -34.46 -10.55 16.22
N GLY B 474 -34.84 -9.35 16.67
CA GLY B 474 -34.26 -8.70 17.86
C GLY B 474 -32.98 -7.94 17.62
N ASP B 475 -32.60 -7.79 16.34
CA ASP B 475 -31.49 -6.90 16.03
C ASP B 475 -32.10 -5.52 15.86
N TYR B 476 -31.26 -4.50 15.95
CA TYR B 476 -31.69 -3.18 15.59
C TYR B 476 -31.39 -2.84 14.13
N CYS B 477 -32.27 -2.06 13.52
CA CYS B 477 -32.01 -1.47 12.23
C CYS B 477 -32.36 0.05 12.27
N VAL B 478 -31.44 0.90 11.81
CA VAL B 478 -31.67 2.34 11.78
C VAL B 478 -32.24 2.75 10.41
N VAL B 479 -33.40 3.38 10.43
CA VAL B 479 -34.17 3.66 9.20
C VAL B 479 -34.16 5.16 9.06
N ILE B 480 -33.90 5.65 7.86
CA ILE B 480 -33.89 7.06 7.62
C ILE B 480 -34.69 7.41 6.32
N HIS B 481 -35.37 8.57 6.31
CA HIS B 481 -36.29 8.95 5.20
C HIS B 481 -36.81 10.37 5.32
N ALA B 482 -37.55 10.82 4.31
CA ALA B 482 -38.24 12.13 4.34
C ALA B 482 -39.51 12.08 5.21
N TYR B 489 -35.59 15.71 1.11
CA TYR B 489 -34.40 15.09 1.71
C TYR B 489 -34.71 14.08 2.85
N ALA B 490 -33.73 13.80 3.69
CA ALA B 490 -33.92 12.82 4.74
C ALA B 490 -33.89 13.55 6.11
N ASN B 491 -35.05 13.69 6.77
CA ASN B 491 -35.12 14.48 8.01
C ASN B 491 -35.76 13.77 9.19
N GLN B 492 -36.25 12.55 8.90
CA GLN B 492 -36.81 11.55 9.84
C GLN B 492 -35.94 10.27 10.04
N THR B 493 -35.80 9.83 11.31
CA THR B 493 -35.02 8.65 11.68
C THR B 493 -35.82 7.77 12.59
N ARG B 494 -35.62 6.47 12.47
CA ARG B 494 -36.21 5.54 13.42
C ARG B 494 -35.24 4.43 13.73
N ILE B 495 -35.31 3.95 14.95
CA ILE B 495 -34.50 2.84 15.36
C ILE B 495 -35.49 1.72 15.62
N LEU B 496 -35.43 0.69 14.78
CA LEU B 496 -36.49 -0.30 14.69
C LEU B 496 -35.96 -1.61 15.25
N LEU B 497 -36.79 -2.31 16.03
CA LEU B 497 -36.40 -3.62 16.53
C LEU B 497 -36.85 -4.58 15.46
N VAL B 498 -35.93 -5.42 15.00
CA VAL B 498 -36.27 -6.33 13.90
C VAL B 498 -37.17 -7.46 14.44
N GLU B 499 -38.26 -7.71 13.71
CA GLU B 499 -39.24 -8.72 14.07
C GLU B 499 -38.75 -10.13 13.69
C1 GOL C . 20.05 6.13 30.84
O1 GOL C . 21.33 6.72 30.60
C2 GOL C . 19.97 4.64 30.40
O2 GOL C . 21.10 4.00 29.83
C3 GOL C . 18.73 4.22 29.68
O3 GOL C . 18.54 5.07 28.61
C1 GOL D . 18.51 -7.32 24.94
O1 GOL D . 17.43 -7.24 25.85
C2 GOL D . 19.58 -6.26 25.08
O2 GOL D . 20.65 -6.90 24.48
C3 GOL D . 19.35 -4.96 24.27
O3 GOL D . 20.42 -4.07 24.54
OAA PTK E . 16.19 -27.79 22.12
OAB PTK E . 17.65 -29.63 21.40
OAC PTK E . 19.37 -23.77 25.18
OAD PTK E . 19.26 -25.42 27.01
OAE PTK E . 23.81 -30.38 18.44
OAF PTK E . 24.19 -32.06 20.24
OAG PTK E . 25.69 -26.11 23.87
OAH PTK E . 26.99 -28.20 23.57
OAI PTK E . 16.68 -29.64 23.67
OAJ PTK E . 21.43 -24.81 26.05
OAK PTK E . 21.90 -31.33 19.67
OAL PTK E . 26.78 -26.58 21.70
CAM PTK E . 18.65 -26.91 24.15
CAN PTK E . 24.64 -29.02 21.37
CAO PTK E . 19.87 -29.35 21.68
CAP PTK E . 21.06 -29.77 21.12
CAQ PTK E . 22.24 -26.15 24.39
CAR PTK E . 23.44 -26.58 23.83
CAS PTK E . 18.67 -27.93 23.17
CAT PTK E . 19.86 -26.33 24.55
CAU PTK E . 23.43 -29.60 20.98
CAV PTK E . 24.62 -28.01 22.33
CAW PTK E . 19.87 -28.34 22.63
CAX PTK E . 21.05 -26.75 23.99
CAY PTK E . 22.25 -29.17 21.53
CAZ PTK E . 23.43 -27.58 22.88
CBA PTK E . 21.06 -27.75 23.03
CBB PTK E . 22.24 -28.17 22.48
SBC PTK E . 17.24 -28.77 22.57
SBD PTK E . 19.98 -25.04 25.74
SBE PTK E . 23.34 -30.89 19.78
SBF PTK E . 26.08 -27.20 22.89
C1 GOL F . -1.45 1.51 10.69
O1 GOL F . -2.20 0.61 9.88
C2 GOL F . -1.90 2.98 10.86
O2 GOL F . -1.60 3.69 9.72
C3 GOL F . -0.86 3.58 11.79
O3 GOL F . -1.19 3.40 13.16
C1 GOL G . 19.09 -12.17 -1.04
O1 GOL G . 19.48 -12.00 0.30
C2 GOL G . 20.07 -13.07 -1.85
O2 GOL G . 19.79 -14.46 -1.70
C3 GOL G . 19.88 -12.81 -3.33
O3 GOL G . 18.55 -13.19 -3.65
C1 GOL H . 23.79 -14.02 -2.33
O1 GOL H . 25.08 -14.19 -1.75
C2 GOL H . 23.33 -15.26 -3.11
O2 GOL H . 21.90 -15.34 -3.15
C3 GOL H . 23.88 -16.54 -2.48
O3 GOL H . 23.01 -17.63 -2.72
C1 GOL I . -5.03 -1.95 -22.54
O1 GOL I . -4.35 -2.01 -23.80
C2 GOL I . -6.56 -1.92 -22.67
O2 GOL I . -6.85 -1.56 -24.00
C3 GOL I . -7.16 -0.90 -21.68
O3 GOL I . -8.38 -1.30 -21.00
#